data_5MHP
#
_entry.id   5MHP
#
_cell.length_a   77.230
_cell.length_b   79.530
_cell.length_c   79.740
_cell.angle_alpha   90.00
_cell.angle_beta   100.78
_cell.angle_gamma   90.00
#
_symmetry.space_group_name_H-M   'P 1 21 1'
#
loop_
_entity.id
_entity.type
_entity.pdbx_description
1 polymer 'Ectonucleotide pyrophosphatase/phosphodiesterase family member 2'
2 branched alpha-D-mannopyranose-(1-2)-alpha-D-mannopyranose-(1-3)-[alpha-D-mannopyranose-(1-6)]alpha-D-mannopyranose-(1-6)-beta-D-mannopyranose-(1-4)-2-acetamido-2-deoxy-beta-D-glucopyranose-(1-4)-2-acetamido-2-deoxy-beta-D-glucopyranose
3 non-polymer 2-acetamido-2-deoxy-beta-D-glucopyranose
4 non-polymer 'ZINC ION'
5 non-polymer 'CALCIUM ION'
6 non-polymer 'MAGNESIUM ION'
7 non-polymer 'IODIDE ION'
8 non-polymer 'CHLORIDE ION'
9 non-polymer 'THIOCYANATE ION'
10 non-polymer 'PHOSPHATE ION'
11 non-polymer 2-[[2-ethyl-8-methyl-6-[4-[2-(3-oxidanylazetidin-1-yl)-2-oxidanylidene-ethyl]piperazin-1-yl]imidazo[1,2-a]pyridin-3-yl]-methyl-amino]-4-(4-fluorophenyl)-1,3-thiazole-5-carbonitrile
12 water water
#
_entity_poly.entity_id   1
_entity_poly.type   'polypeptide(L)'
_entity_poly.pdbx_seq_one_letter_code
;MARRSSFQSCQIISLFTFAVGVNICLGFTAHRIKRAEGWEEGPPTVLSDSPWTNISGSCKGRCFELQEAGPPDCRCDNLC
KSYTSCCHDFDELCLKTARGWECTKDRCGEVRNEENACHCSEDCLARGDCCTNYQVVCKGESHWVDDDCEEIKAAECPAG
FVRPPLIIFSVDGFRASYMKKGSKVMPNIEKLRSCGTHSPYMRPVYPTKTFPNLYTLATGLYPESHGIVGNSMYDPVFDA
TFHLRGREKFNHRWWGGQPLWITATKQGVKAGTFFWSVVIPHERRILTILQWLTLPDHERPSVYAFYSEQPDFSGHKYGP
FGPEMTNPLREIDKIVGQLMDGLKQLKLHRCVNVIFVGDHGMEDVTCDRTEFLSNYLTNVDDITLVPGTLGRIRSKFSNN
AKYDPKAIIANLTCKKPDQHFKPYLKQHLPKRLHYANNRRIEDIHLLVERRWHVARKPLDVYKKPSGKCFFQGDHGFDNK
VNSMQTVFVGYGPTFKYKTKVPPFENIELYNVMCDLLGLKPAPNNGTHGSLNHLLRTNTFRPTMPEEVTRPNYPGIMYLQ
SDFDLGCTCDDKNKLDELNKRLHTKGSTEERHLLYGRPAVLYRTRYDILYHTDFESGYSEIFLMPLWTSYTVSKQAEVSS
VPDHLTSCVRPDVRVSPSFSQNCLAYKNDKQMSYGFLFPPYLSSSPEAKYDAFLVTNMVPMYPAFKRVWNYFQRVLVKKY
ASERNGVNVISGPIFDYDYDGLHDTEDKIKQYVEGSSIPVPTHYYSIITSCLDFTQPADKCDGPLSVSSFILPHRPDNEE
SCNSSEDESKWVEELMKMHTARVRDIEHLTSLDFFRKTSRSYPEILTLKTYLHTYESEILVPRGSHHHHHH
;
_entity_poly.pdbx_strand_id   A
#
# COMPACT_ATOMS: atom_id res chain seq x y z
N TRP A 52 -3.20 -38.83 -16.58
CA TRP A 52 -4.48 -39.60 -16.65
C TRP A 52 -5.01 -39.90 -15.25
N THR A 53 -6.32 -40.12 -15.17
CA THR A 53 -6.97 -40.50 -13.92
C THR A 53 -8.19 -41.39 -14.20
N ASN A 54 -8.42 -42.38 -13.34
CA ASN A 54 -9.56 -43.30 -13.50
C ASN A 54 -10.85 -42.65 -12.99
N ILE A 55 -11.54 -41.95 -13.89
CA ILE A 55 -12.75 -41.17 -13.56
C ILE A 55 -13.98 -42.02 -13.17
N SER A 56 -13.92 -43.34 -13.39
CA SER A 56 -14.92 -44.29 -12.85
C SER A 56 -14.94 -44.30 -11.32
N GLY A 57 -13.83 -43.92 -10.68
CA GLY A 57 -13.81 -43.66 -9.25
C GLY A 57 -14.70 -42.48 -8.90
N SER A 58 -15.30 -42.53 -7.71
CA SER A 58 -16.34 -41.56 -7.32
C SER A 58 -15.83 -40.42 -6.45
N CYS A 59 -16.67 -39.40 -6.30
CA CYS A 59 -16.47 -38.29 -5.38
C CYS A 59 -17.42 -38.41 -4.18
N LYS A 60 -17.93 -39.62 -3.89
CA LYS A 60 -18.93 -39.80 -2.85
C LYS A 60 -18.31 -39.57 -1.47
N GLY A 61 -18.89 -38.63 -0.73
CA GLY A 61 -18.39 -38.27 0.61
C GLY A 61 -17.02 -37.60 0.63
N ARG A 62 -16.66 -36.91 -0.45
CA ARG A 62 -15.39 -36.16 -0.53
C ARG A 62 -15.41 -35.02 -1.56
N CYS A 63 -16.54 -34.31 -1.63
CA CYS A 63 -16.70 -33.18 -2.56
C CYS A 63 -15.88 -31.98 -2.08
N PHE A 64 -15.01 -31.48 -2.97
CA PHE A 64 -14.06 -30.40 -2.66
C PHE A 64 -13.04 -30.84 -1.61
N GLU A 65 -12.42 -32.00 -1.87
CA GLU A 65 -11.44 -32.60 -0.94
C GLU A 65 -10.19 -31.74 -0.81
N LEU A 66 -9.62 -31.73 0.40
CA LEU A 66 -8.42 -30.93 0.72
C LEU A 66 -7.21 -31.84 0.85
N CYS A 74 -9.12 -40.36 -8.48
CA CYS A 74 -9.32 -39.15 -9.29
C CYS A 74 -9.69 -37.92 -8.45
N ARG A 75 -9.34 -36.74 -9.00
CA ARG A 75 -9.41 -35.47 -8.27
C ARG A 75 -10.84 -34.96 -8.11
N CYS A 76 -11.11 -34.36 -6.94
CA CYS A 76 -12.37 -33.67 -6.66
C CYS A 76 -12.14 -32.29 -6.04
N ASP A 77 -10.96 -31.71 -6.25
CA ASP A 77 -10.62 -30.39 -5.69
C ASP A 77 -11.16 -29.27 -6.58
N ASN A 78 -10.97 -28.03 -6.13
CA ASN A 78 -11.49 -26.86 -6.84
C ASN A 78 -10.81 -26.53 -8.17
N LEU A 79 -9.59 -27.06 -8.38
CA LEU A 79 -8.87 -26.87 -9.65
C LEU A 79 -9.09 -27.96 -10.71
N CYS A 80 -9.91 -28.98 -10.41
CA CYS A 80 -10.10 -30.13 -11.33
C CYS A 80 -10.87 -29.83 -12.61
N LYS A 81 -11.63 -28.74 -12.64
CA LYS A 81 -12.28 -28.24 -13.86
C LYS A 81 -11.41 -27.25 -14.64
N SER A 82 -10.34 -26.73 -14.03
CA SER A 82 -9.52 -25.67 -14.63
C SER A 82 -8.79 -26.17 -15.89
N TYR A 83 -7.72 -26.94 -15.74
CA TYR A 83 -7.08 -27.62 -16.88
C TYR A 83 -6.65 -29.04 -16.51
N THR A 84 -7.54 -29.73 -15.77
CA THR A 84 -7.35 -31.11 -15.32
C THR A 84 -8.59 -31.91 -15.73
N SER A 85 -8.99 -32.91 -14.93
CA SER A 85 -10.30 -33.57 -15.11
C SER A 85 -10.82 -34.18 -13.81
N CYS A 86 -12.11 -33.96 -13.55
CA CYS A 86 -12.78 -34.48 -12.35
C CYS A 86 -13.21 -35.93 -12.56
N CYS A 87 -13.76 -36.52 -11.50
CA CYS A 87 -14.42 -37.81 -11.57
C CYS A 87 -15.70 -37.68 -12.40
N HIS A 88 -16.19 -38.83 -12.90
CA HIS A 88 -17.37 -38.88 -13.78
C HIS A 88 -18.65 -38.33 -13.11
N ASP A 89 -18.75 -38.51 -11.79
CA ASP A 89 -19.93 -38.12 -11.03
C ASP A 89 -19.72 -36.85 -10.17
N PHE A 90 -18.68 -36.08 -10.49
CA PHE A 90 -18.44 -34.78 -9.84
C PHE A 90 -19.66 -33.88 -10.00
N ASP A 91 -20.12 -33.71 -11.24
CA ASP A 91 -21.28 -32.85 -11.53
C ASP A 91 -22.58 -33.33 -10.86
N GLU A 92 -22.79 -34.64 -10.82
CA GLU A 92 -24.00 -35.21 -10.19
C GLU A 92 -23.99 -35.06 -8.66
N LEU A 93 -22.86 -35.40 -8.03
CA LEU A 93 -22.74 -35.43 -6.56
C LEU A 93 -22.39 -34.10 -5.90
N CYS A 94 -21.48 -33.34 -6.51
CA CYS A 94 -20.95 -32.11 -5.90
C CYS A 94 -21.68 -30.83 -6.28
N LEU A 95 -22.16 -30.74 -7.53
CA LEU A 95 -22.82 -29.53 -8.05
C LEU A 95 -24.35 -29.64 -8.14
N LYS A 96 -24.98 -30.27 -7.16
CA LYS A 96 -26.44 -30.39 -7.12
C LYS A 96 -27.09 -29.03 -6.88
N THR A 97 -28.11 -28.70 -7.68
CA THR A 97 -28.82 -27.40 -7.58
C THR A 97 -30.34 -27.54 -7.43
N ALA A 98 -30.82 -28.72 -7.05
CA ALA A 98 -32.26 -29.01 -7.06
C ALA A 98 -33.00 -28.32 -5.90
N ARG A 99 -34.06 -27.58 -6.26
CA ARG A 99 -34.98 -26.91 -5.32
C ARG A 99 -34.39 -25.70 -4.57
N GLY A 100 -33.34 -25.10 -5.10
CA GLY A 100 -32.76 -23.88 -4.53
C GLY A 100 -31.91 -24.06 -3.28
N TRP A 101 -31.64 -22.94 -2.62
CA TRP A 101 -30.74 -22.87 -1.46
C TRP A 101 -31.48 -22.41 -0.20
N GLU A 102 -32.80 -22.54 -0.20
CA GLU A 102 -33.65 -22.09 0.91
C GLU A 102 -34.73 -23.12 1.19
N CYS A 103 -35.01 -23.36 2.46
CA CYS A 103 -36.15 -24.17 2.89
C CYS A 103 -37.46 -23.39 2.79
N THR A 104 -38.56 -24.16 2.72
CA THR A 104 -39.91 -23.63 2.84
C THR A 104 -40.63 -24.42 3.94
N LYS A 105 -41.81 -23.95 4.34
CA LYS A 105 -42.65 -24.66 5.31
C LYS A 105 -43.09 -26.04 4.78
N ASP A 106 -43.23 -26.13 3.46
CA ASP A 106 -43.53 -27.38 2.75
C ASP A 106 -42.46 -28.47 2.97
N ARG A 107 -41.19 -28.08 2.94
CA ARG A 107 -40.06 -29.03 3.06
C ARG A 107 -39.66 -29.39 4.50
N CYS A 108 -40.28 -28.78 5.51
CA CYS A 108 -39.88 -29.00 6.90
C CYS A 108 -40.18 -30.41 7.40
N GLY A 109 -39.14 -31.10 7.89
CA GLY A 109 -39.24 -32.49 8.32
C GLY A 109 -39.51 -33.48 7.20
N GLU A 110 -39.12 -33.13 5.97
CA GLU A 110 -39.40 -33.94 4.78
C GLU A 110 -38.58 -35.23 4.71
N VAL A 111 -38.96 -36.09 3.76
CA VAL A 111 -38.19 -37.29 3.44
C VAL A 111 -36.92 -36.85 2.70
N ARG A 112 -35.78 -37.35 3.16
CA ARG A 112 -34.48 -36.94 2.63
C ARG A 112 -34.27 -37.44 1.21
N ASN A 113 -34.02 -36.51 0.29
CA ASN A 113 -33.69 -36.82 -1.10
C ASN A 113 -32.25 -36.35 -1.39
N GLU A 114 -31.38 -37.29 -1.76
CA GLU A 114 -29.96 -37.00 -2.03
C GLU A 114 -29.74 -36.14 -3.29
N GLU A 115 -30.74 -36.08 -4.17
CA GLU A 115 -30.69 -35.20 -5.35
C GLU A 115 -30.75 -33.70 -5.01
N ASN A 116 -31.22 -33.34 -3.80
CA ASN A 116 -31.30 -31.93 -3.38
C ASN A 116 -29.95 -31.25 -3.14
N ALA A 117 -29.90 -29.93 -3.37
CA ALA A 117 -28.70 -29.14 -3.17
C ALA A 117 -28.35 -29.00 -1.70
N CYS A 118 -29.36 -28.68 -0.89
CA CYS A 118 -29.28 -28.69 0.57
C CYS A 118 -30.59 -29.29 1.11
N HIS A 119 -30.65 -29.57 2.41
CA HIS A 119 -31.72 -30.39 2.99
C HIS A 119 -32.44 -29.74 4.16
N CYS A 120 -33.71 -30.10 4.33
CA CYS A 120 -34.56 -29.61 5.43
C CYS A 120 -35.11 -30.76 6.30
N SER A 121 -34.52 -31.95 6.19
CA SER A 121 -34.94 -33.11 6.97
C SER A 121 -34.42 -33.03 8.40
N GLU A 122 -35.07 -33.76 9.30
CA GLU A 122 -34.70 -33.78 10.74
C GLU A 122 -33.25 -34.18 11.03
N ASP A 123 -32.66 -35.00 10.16
CA ASP A 123 -31.28 -35.49 10.31
C ASP A 123 -30.19 -34.58 9.75
N CYS A 124 -30.56 -33.49 9.06
CA CYS A 124 -29.60 -32.66 8.31
C CYS A 124 -28.56 -31.95 9.18
N LEU A 125 -28.91 -31.67 10.44
CA LEU A 125 -28.02 -30.94 11.35
C LEU A 125 -26.81 -31.79 11.77
N ALA A 126 -27.07 -33.04 12.17
CA ALA A 126 -26.01 -33.99 12.52
C ALA A 126 -25.04 -34.27 11.36
N ARG A 127 -25.56 -34.26 10.14
CA ARG A 127 -24.76 -34.43 8.91
C ARG A 127 -24.04 -33.15 8.44
N GLY A 128 -24.55 -31.98 8.85
CA GLY A 128 -23.89 -30.71 8.57
C GLY A 128 -24.09 -30.21 7.14
N ASP A 129 -25.25 -30.50 6.56
CA ASP A 129 -25.59 -30.05 5.20
C ASP A 129 -27.02 -29.50 5.12
N CYS A 130 -27.48 -28.85 6.20
CA CYS A 130 -28.73 -28.09 6.18
C CYS A 130 -28.61 -26.88 5.27
N CYS A 131 -29.74 -26.42 4.77
CA CYS A 131 -29.82 -25.09 4.18
C CYS A 131 -29.56 -24.08 5.29
N THR A 132 -29.01 -22.92 4.91
CA THR A 132 -28.58 -21.95 5.90
C THR A 132 -29.75 -21.37 6.73
N ASN A 133 -30.95 -21.37 6.15
CA ASN A 133 -32.17 -20.90 6.83
C ASN A 133 -33.07 -22.01 7.42
N TYR A 134 -32.55 -23.24 7.55
CA TYR A 134 -33.37 -24.38 7.98
C TYR A 134 -34.09 -24.12 9.31
N GLN A 135 -33.34 -23.83 10.38
CA GLN A 135 -33.95 -23.64 11.71
C GLN A 135 -34.65 -22.29 11.89
N VAL A 136 -34.46 -21.37 10.96
CA VAL A 136 -35.27 -20.15 10.91
C VAL A 136 -36.70 -20.49 10.46
N VAL A 137 -36.81 -21.29 9.41
CA VAL A 137 -38.11 -21.68 8.84
C VAL A 137 -38.80 -22.76 9.66
N CYS A 138 -38.04 -23.77 10.11
CA CYS A 138 -38.60 -24.99 10.70
C CYS A 138 -38.65 -25.01 12.24
N LYS A 139 -37.70 -24.34 12.91
CA LYS A 139 -37.62 -24.32 14.38
C LYS A 139 -37.88 -22.92 14.99
N GLY A 140 -38.46 -22.01 14.21
CA GLY A 140 -38.83 -20.67 14.70
C GLY A 140 -37.73 -19.82 15.31
N GLU A 141 -36.51 -19.95 14.80
CA GLU A 141 -35.37 -19.13 15.23
C GLU A 141 -35.30 -17.85 14.41
N SER A 142 -34.60 -16.85 14.91
CA SER A 142 -34.41 -15.59 14.18
C SER A 142 -33.16 -15.64 13.30
N HIS A 143 -33.20 -14.89 12.20
CA HIS A 143 -32.00 -14.60 11.40
C HIS A 143 -30.96 -13.92 12.28
N TRP A 144 -29.67 -14.12 11.96
CA TRP A 144 -28.58 -13.48 12.71
C TRP A 144 -28.71 -11.97 12.70
N VAL A 145 -29.12 -11.41 11.55
CA VAL A 145 -29.24 -9.97 11.39
C VAL A 145 -30.28 -9.33 12.32
N ASP A 146 -31.39 -10.02 12.56
CA ASP A 146 -32.47 -9.49 13.43
C ASP A 146 -32.13 -9.47 14.93
N ASP A 147 -31.06 -10.16 15.34
CA ASP A 147 -30.63 -10.17 16.75
C ASP A 147 -29.94 -8.87 17.16
N ASP A 148 -30.04 -8.55 18.44
CA ASP A 148 -29.37 -7.38 19.02
C ASP A 148 -27.86 -7.63 19.12
N CYS A 149 -27.11 -6.54 19.04
CA CYS A 149 -25.66 -6.58 18.98
C CYS A 149 -25.08 -6.89 20.36
N GLU A 150 -24.65 -8.14 20.55
CA GLU A 150 -24.09 -8.60 21.82
C GLU A 150 -22.57 -8.72 21.68
N GLU A 151 -21.85 -8.18 22.66
CA GLU A 151 -20.38 -8.20 22.67
C GLU A 151 -19.84 -9.62 22.89
N ILE A 152 -18.75 -9.95 22.20
CA ILE A 152 -18.06 -11.23 22.34
C ILE A 152 -16.78 -10.95 23.14
N LYS A 153 -16.86 -11.12 24.47
CA LYS A 153 -15.73 -10.89 25.37
C LYS A 153 -14.71 -12.03 25.37
N ALA A 154 -15.09 -13.20 24.85
CA ALA A 154 -14.16 -14.31 24.64
C ALA A 154 -14.70 -15.29 23.59
N ALA A 155 -13.80 -16.09 23.03
CA ALA A 155 -14.17 -17.04 21.98
C ALA A 155 -15.05 -18.16 22.54
N GLU A 156 -16.24 -18.31 21.97
CA GLU A 156 -17.21 -19.31 22.38
C GLU A 156 -17.22 -20.44 21.36
N CYS A 157 -16.12 -21.20 21.32
CA CYS A 157 -15.94 -22.29 20.36
C CYS A 157 -16.24 -23.66 21.02
N PRO A 158 -16.72 -24.64 20.24
CA PRO A 158 -16.89 -26.00 20.77
C PRO A 158 -15.60 -26.57 21.36
N ALA A 159 -15.72 -27.31 22.45
CA ALA A 159 -14.56 -27.91 23.11
C ALA A 159 -13.91 -28.89 22.13
N GLY A 160 -12.61 -28.72 21.91
CA GLY A 160 -11.91 -29.42 20.83
C GLY A 160 -11.22 -28.45 19.87
N PHE A 161 -11.82 -27.27 19.70
CA PHE A 161 -11.22 -26.22 18.89
C PHE A 161 -9.99 -25.66 19.60
N VAL A 162 -8.88 -25.61 18.86
CA VAL A 162 -7.58 -25.14 19.35
C VAL A 162 -7.44 -23.62 19.21
N ARG A 163 -8.18 -23.05 18.26
CA ARG A 163 -8.19 -21.60 18.03
C ARG A 163 -9.50 -21.18 17.34
N PRO A 164 -9.88 -19.89 17.43
CA PRO A 164 -11.02 -19.43 16.63
C PRO A 164 -10.71 -19.50 15.12
N PRO A 165 -11.66 -19.99 14.30
CA PRO A 165 -11.46 -19.95 12.86
C PRO A 165 -11.55 -18.54 12.24
N LEU A 166 -10.93 -18.39 11.08
CA LEU A 166 -10.93 -17.15 10.32
C LEU A 166 -11.54 -17.41 8.95
N ILE A 167 -12.56 -16.66 8.59
CA ILE A 167 -13.13 -16.70 7.24
C ILE A 167 -12.86 -15.35 6.58
N ILE A 168 -12.16 -15.36 5.46
CA ILE A 168 -11.86 -14.15 4.69
C ILE A 168 -12.88 -14.03 3.54
N PHE A 169 -13.84 -13.13 3.70
CA PHE A 169 -14.88 -12.89 2.71
C PHE A 169 -14.42 -11.74 1.81
N SER A 170 -13.89 -12.08 0.63
CA SER A 170 -13.41 -11.08 -0.31
C SER A 170 -14.45 -10.76 -1.38
N VAL A 171 -14.55 -9.49 -1.75
CA VAL A 171 -15.54 -9.00 -2.70
C VAL A 171 -14.88 -8.12 -3.75
N ASP A 172 -15.07 -8.43 -5.03
CA ASP A 172 -14.37 -7.73 -6.10
C ASP A 172 -15.00 -6.36 -6.39
N GLY A 173 -14.21 -5.31 -6.35
CA GLY A 173 -14.65 -3.99 -6.78
C GLY A 173 -15.60 -3.29 -5.83
N PHE A 174 -15.50 -3.61 -4.54
CA PHE A 174 -16.38 -3.03 -3.53
C PHE A 174 -15.83 -1.68 -3.10
N ARG A 175 -16.31 -0.64 -3.77
CA ARG A 175 -16.00 0.74 -3.46
C ARG A 175 -16.41 1.10 -2.03
N ALA A 176 -15.56 1.87 -1.34
CA ALA A 176 -15.78 2.26 0.06
C ALA A 176 -17.09 3.02 0.30
N SER A 177 -17.46 3.88 -0.65
CA SER A 177 -18.68 4.68 -0.53
C SER A 177 -19.98 3.87 -0.60
N TYR A 178 -19.92 2.62 -1.05
CA TYR A 178 -21.07 1.72 -1.03
C TYR A 178 -21.59 1.43 0.38
N MET A 179 -20.72 1.44 1.40
CA MET A 179 -21.18 1.29 2.79
C MET A 179 -22.17 2.37 3.24
N LYS A 180 -22.16 3.52 2.57
CA LYS A 180 -23.17 4.58 2.74
C LYS A 180 -24.62 4.17 2.43
N LYS A 181 -24.83 3.15 1.57
CA LYS A 181 -26.17 2.58 1.32
C LYS A 181 -26.94 2.17 2.59
N GLY A 182 -26.22 1.60 3.57
CA GLY A 182 -26.77 1.33 4.89
C GLY A 182 -27.65 0.08 4.98
N SER A 183 -28.44 0.03 6.04
CA SER A 183 -29.25 -1.15 6.40
C SER A 183 -30.42 -1.48 5.44
N LYS A 184 -30.82 -0.52 4.61
CA LYS A 184 -31.83 -0.77 3.57
C LYS A 184 -31.36 -1.81 2.55
N VAL A 185 -30.16 -1.60 1.99
CA VAL A 185 -29.65 -2.43 0.88
C VAL A 185 -28.80 -3.60 1.36
N MET A 186 -27.96 -3.38 2.39
CA MET A 186 -27.01 -4.38 2.87
C MET A 186 -27.06 -4.54 4.39
N PRO A 187 -28.17 -5.09 4.94
CA PRO A 187 -28.36 -5.18 6.39
C PRO A 187 -27.38 -6.08 7.15
N ASN A 188 -26.96 -7.20 6.56
CA ASN A 188 -25.95 -8.09 7.18
C ASN A 188 -24.53 -7.50 7.26
N ILE A 189 -24.08 -6.92 6.14
CA ILE A 189 -22.78 -6.24 6.08
C ILE A 189 -22.77 -5.05 7.04
N GLU A 190 -23.87 -4.30 7.09
CA GLU A 190 -23.99 -3.13 7.96
C GLU A 190 -23.96 -3.51 9.44
N LYS A 191 -24.59 -4.64 9.79
CA LYS A 191 -24.50 -5.16 11.15
C LYS A 191 -23.06 -5.63 11.48
N LEU A 192 -22.42 -6.35 10.57
CA LEU A 192 -21.00 -6.69 10.71
C LEU A 192 -20.13 -5.45 10.95
N ARG A 193 -20.35 -4.39 10.15
CA ARG A 193 -19.58 -3.16 10.22
C ARG A 193 -19.79 -2.39 11.53
N SER A 194 -21.05 -2.16 11.87
CA SER A 194 -21.38 -1.38 13.08
C SER A 194 -21.07 -2.15 14.37
N CYS A 195 -21.21 -3.48 14.34
CA CYS A 195 -21.00 -4.31 15.53
C CYS A 195 -19.54 -4.69 15.77
N GLY A 196 -18.75 -4.77 14.70
CA GLY A 196 -17.33 -5.14 14.80
C GLY A 196 -16.36 -3.97 14.72
N THR A 197 -15.18 -4.23 14.16
CA THR A 197 -14.15 -3.23 13.90
C THR A 197 -14.24 -2.83 12.42
N HIS A 198 -14.14 -1.53 12.14
CA HIS A 198 -14.21 -1.02 10.77
C HIS A 198 -13.40 0.26 10.59
N SER A 199 -13.03 0.55 9.35
CA SER A 199 -12.40 1.83 8.98
C SER A 199 -13.24 2.52 7.91
N PRO A 200 -13.05 3.85 7.72
CA PRO A 200 -13.72 4.54 6.60
C PRO A 200 -13.40 3.93 5.25
N TYR A 201 -12.14 3.52 5.05
CA TYR A 201 -11.74 2.79 3.87
C TYR A 201 -10.44 2.01 4.11
N MET A 202 -10.07 1.19 3.14
CA MET A 202 -8.78 0.50 3.11
C MET A 202 -8.11 0.84 1.78
N ARG A 203 -6.84 1.24 1.83
CA ARG A 203 -6.08 1.60 0.62
C ARG A 203 -5.52 0.34 -0.03
N PRO A 204 -5.86 0.11 -1.33
CA PRO A 204 -5.24 -0.98 -2.09
C PRO A 204 -3.83 -0.62 -2.57
N VAL A 205 -3.14 -1.58 -3.19
CA VAL A 205 -1.84 -1.32 -3.83
C VAL A 205 -2.02 -0.97 -5.30
N TYR A 206 -0.99 -0.33 -5.85
CA TYR A 206 -0.95 -0.02 -7.27
C TYR A 206 -0.27 -1.16 -8.06
N PRO A 207 -0.80 -1.56 -9.22
CA PRO A 207 -1.99 -1.01 -9.84
C PRO A 207 -3.23 -1.55 -9.17
N THR A 208 -4.28 -0.73 -9.08
CA THR A 208 -5.51 -1.11 -8.40
C THR A 208 -6.35 -2.08 -9.26
N LYS A 209 -5.81 -3.29 -9.45
CA LYS A 209 -6.40 -4.38 -10.22
C LYS A 209 -6.55 -5.59 -9.29
N THR A 210 -7.27 -6.61 -9.77
CA THR A 210 -7.67 -7.72 -8.92
C THR A 210 -6.51 -8.63 -8.52
N PHE A 211 -5.77 -9.12 -9.50
CA PHE A 211 -4.71 -10.10 -9.24
C PHE A 211 -3.59 -9.55 -8.35
N PRO A 212 -3.05 -8.36 -8.68
CA PRO A 212 -2.06 -7.73 -7.79
C PRO A 212 -2.52 -7.52 -6.35
N ASN A 213 -3.78 -7.12 -6.16
CA ASN A 213 -4.32 -6.82 -4.83
C ASN A 213 -4.71 -8.04 -4.01
N LEU A 214 -5.42 -8.99 -4.62
CA LEU A 214 -5.76 -10.23 -3.91
C LEU A 214 -4.50 -10.97 -3.44
N TYR A 215 -3.46 -10.99 -4.26
CA TYR A 215 -2.20 -11.68 -3.88
C TYR A 215 -1.39 -10.86 -2.88
N THR A 216 -1.50 -9.52 -2.93
CA THR A 216 -0.97 -8.65 -1.88
C THR A 216 -1.63 -8.95 -0.53
N LEU A 217 -2.95 -9.10 -0.56
CA LEU A 217 -3.69 -9.50 0.64
C LEU A 217 -3.20 -10.85 1.19
N ALA A 218 -2.98 -11.81 0.29
CA ALA A 218 -2.48 -13.14 0.67
C ALA A 218 -1.06 -13.15 1.25
N THR A 219 -0.20 -12.22 0.83
CA THR A 219 1.25 -12.24 1.17
C THR A 219 1.79 -11.07 2.01
N GLY A 220 1.06 -9.97 2.12
CA GLY A 220 1.56 -8.76 2.76
C GLY A 220 2.66 -8.06 1.99
N LEU A 221 2.76 -8.33 0.69
CA LEU A 221 3.86 -7.82 -0.15
C LEU A 221 3.37 -6.88 -1.23
N TYR A 222 4.20 -5.90 -1.56
CA TYR A 222 3.99 -5.06 -2.73
C TYR A 222 4.12 -5.94 -3.98
N PRO A 223 3.34 -5.64 -5.02
CA PRO A 223 3.45 -6.37 -6.29
C PRO A 223 4.86 -6.51 -6.88
N GLU A 224 5.72 -5.50 -6.70
CA GLU A 224 7.10 -5.61 -7.18
C GLU A 224 7.85 -6.79 -6.55
N SER A 225 7.51 -7.08 -5.29
CA SER A 225 8.13 -8.15 -4.52
C SER A 225 7.48 -9.53 -4.71
N HIS A 226 6.15 -9.61 -4.87
CA HIS A 226 5.51 -10.92 -5.12
C HIS A 226 5.36 -11.35 -6.60
N GLY A 227 5.62 -10.44 -7.55
CA GLY A 227 5.69 -10.79 -8.97
C GLY A 227 4.44 -10.59 -9.83
N ILE A 228 3.27 -10.52 -9.20
CA ILE A 228 2.01 -10.29 -9.87
C ILE A 228 1.79 -8.77 -9.96
N VAL A 229 2.48 -8.18 -10.94
CA VAL A 229 2.52 -6.72 -11.12
C VAL A 229 1.33 -6.18 -11.94
N GLY A 230 0.52 -7.07 -12.50
CA GLY A 230 -0.65 -6.69 -13.29
C GLY A 230 -1.59 -7.86 -13.48
N ASN A 231 -2.80 -7.60 -13.98
CA ASN A 231 -3.67 -8.64 -14.53
C ASN A 231 -3.09 -9.25 -15.81
N SER A 232 -2.32 -8.44 -16.53
CA SER A 232 -1.62 -8.85 -17.74
C SER A 232 -0.14 -8.47 -17.57
N MET A 233 0.78 -9.38 -17.93
CA MET A 233 2.22 -9.06 -17.81
C MET A 233 3.13 -10.01 -18.60
N TYR A 234 4.27 -9.48 -19.03
CA TYR A 234 5.27 -10.19 -19.80
C TYR A 234 6.58 -10.29 -19.01
N ASP A 235 7.11 -11.50 -18.91
CA ASP A 235 8.38 -11.79 -18.23
C ASP A 235 9.42 -12.14 -19.31
N PRO A 236 10.46 -11.29 -19.47
CA PRO A 236 11.43 -11.50 -20.56
C PRO A 236 12.39 -12.67 -20.36
N VAL A 237 12.67 -13.07 -19.11
CA VAL A 237 13.45 -14.27 -18.81
C VAL A 237 12.68 -15.55 -19.17
N PHE A 238 11.40 -15.61 -18.80
CA PHE A 238 10.52 -16.72 -19.21
C PHE A 238 10.14 -16.66 -20.69
N ASP A 239 10.10 -15.45 -21.25
CA ASP A 239 9.49 -15.16 -22.56
C ASP A 239 8.06 -15.70 -22.63
N ALA A 240 7.27 -15.31 -21.64
CA ALA A 240 5.88 -15.76 -21.53
C ALA A 240 4.98 -14.62 -21.06
N THR A 241 3.70 -14.75 -21.33
CA THR A 241 2.72 -13.74 -20.96
C THR A 241 1.65 -14.31 -20.02
N PHE A 242 1.51 -13.65 -18.88
CA PHE A 242 0.45 -13.90 -17.92
C PHE A 242 -0.79 -13.15 -18.42
N HIS A 243 -1.94 -13.84 -18.46
CA HIS A 243 -3.22 -13.21 -18.80
C HIS A 243 -4.31 -13.72 -17.86
N LEU A 244 -5.37 -12.92 -17.70
CA LEU A 244 -6.57 -13.34 -16.97
C LEU A 244 -7.16 -14.63 -17.55
N ARG A 245 -7.20 -14.70 -18.88
CA ARG A 245 -7.62 -15.91 -19.61
C ARG A 245 -6.38 -16.69 -20.08
N GLY A 246 -6.38 -18.00 -19.85
CA GLY A 246 -5.28 -18.89 -20.31
C GLY A 246 -4.72 -19.79 -19.22
N ARG A 247 -3.95 -20.79 -19.64
CA ARG A 247 -3.38 -21.79 -18.71
C ARG A 247 -2.16 -21.26 -17.94
N GLU A 248 -1.50 -20.25 -18.51
CA GLU A 248 -0.22 -19.74 -18.00
C GLU A 248 -0.28 -19.26 -16.54
N LYS A 249 -1.37 -18.56 -16.20
CA LYS A 249 -1.56 -18.03 -14.83
C LYS A 249 -1.54 -19.07 -13.70
N PHE A 250 -1.81 -20.33 -14.02
CA PHE A 250 -1.79 -21.44 -13.04
C PHE A 250 -0.38 -21.98 -12.77
N ASN A 251 0.59 -21.60 -13.61
CA ASN A 251 1.98 -22.02 -13.45
C ASN A 251 2.56 -21.32 -12.22
N HIS A 252 3.22 -22.08 -11.35
CA HIS A 252 3.68 -21.58 -10.04
C HIS A 252 4.83 -20.57 -10.10
N ARG A 253 5.61 -20.60 -11.18
CA ARG A 253 6.76 -19.69 -11.36
C ARG A 253 6.46 -18.18 -11.28
N TRP A 254 5.22 -17.78 -11.60
CA TRP A 254 4.81 -16.37 -11.54
C TRP A 254 4.60 -15.85 -10.12
N TRP A 255 4.21 -16.73 -9.21
CA TRP A 255 3.73 -16.36 -7.87
C TRP A 255 4.82 -16.43 -6.80
N GLY A 256 5.36 -15.28 -6.43
CA GLY A 256 6.43 -15.19 -5.43
C GLY A 256 5.92 -15.00 -4.02
N GLY A 257 6.83 -14.95 -3.07
CA GLY A 257 6.48 -14.79 -1.66
C GLY A 257 5.83 -16.03 -1.07
N GLN A 258 5.28 -15.88 0.14
CA GLN A 258 4.61 -16.97 0.82
C GLN A 258 3.19 -16.55 1.21
N PRO A 259 2.18 -17.07 0.49
CA PRO A 259 0.81 -16.69 0.83
C PRO A 259 0.30 -17.35 2.11
N LEU A 260 -0.67 -16.70 2.75
CA LEU A 260 -1.25 -17.15 4.01
C LEU A 260 -1.52 -18.66 4.14
N TRP A 261 -1.96 -19.30 3.06
CA TRP A 261 -2.27 -20.73 3.08
C TRP A 261 -1.04 -21.65 3.18
N ILE A 262 0.07 -21.22 2.58
CA ILE A 262 1.35 -21.95 2.73
C ILE A 262 1.94 -21.68 4.11
N THR A 263 1.92 -20.43 4.56
CA THR A 263 2.39 -20.05 5.92
C THR A 263 1.65 -20.84 7.01
N ALA A 264 0.34 -20.99 6.84
CA ALA A 264 -0.49 -21.78 7.76
C ALA A 264 -0.12 -23.27 7.74
N THR A 265 -0.02 -23.85 6.54
CA THR A 265 0.27 -25.29 6.37
C THR A 265 1.65 -25.69 6.94
N LYS A 266 2.67 -24.89 6.65
CA LYS A 266 4.02 -25.10 7.18
C LYS A 266 4.10 -25.09 8.72
N GLN A 267 3.22 -24.35 9.39
CA GLN A 267 3.20 -24.27 10.86
C GLN A 267 2.06 -25.09 11.51
N GLY A 268 1.52 -26.07 10.77
CA GLY A 268 0.57 -27.03 11.33
C GLY A 268 -0.88 -26.60 11.41
N VAL A 269 -1.29 -25.66 10.55
CA VAL A 269 -2.66 -25.13 10.57
C VAL A 269 -3.30 -25.40 9.21
N LYS A 270 -4.36 -26.21 9.18
CA LYS A 270 -4.98 -26.62 7.91
C LYS A 270 -5.76 -25.46 7.31
N ALA A 271 -5.63 -25.30 5.98
CA ALA A 271 -6.26 -24.20 5.24
C ALA A 271 -7.32 -24.73 4.29
N GLY A 272 -8.41 -23.96 4.16
CA GLY A 272 -9.41 -24.22 3.11
C GLY A 272 -8.85 -23.80 1.76
N THR A 273 -9.65 -23.99 0.70
CA THR A 273 -9.25 -23.51 -0.61
C THR A 273 -9.22 -21.98 -0.63
N PHE A 274 -8.21 -21.43 -1.29
CA PHE A 274 -8.14 -19.99 -1.59
C PHE A 274 -8.37 -19.73 -3.08
N PHE A 275 -9.09 -20.64 -3.73
CA PHE A 275 -9.53 -20.46 -5.10
C PHE A 275 -10.77 -21.33 -5.34
N TRP A 276 -11.85 -20.70 -5.81
CA TRP A 276 -13.05 -21.41 -6.20
C TRP A 276 -13.17 -21.34 -7.71
N SER A 277 -13.64 -22.41 -8.33
CA SER A 277 -13.91 -22.42 -9.77
C SER A 277 -15.17 -21.58 -10.05
N VAL A 278 -15.21 -20.96 -11.24
CA VAL A 278 -16.40 -20.17 -11.65
C VAL A 278 -17.66 -21.02 -11.88
N VAL A 279 -17.49 -22.34 -12.04
CA VAL A 279 -18.64 -23.26 -12.13
C VAL A 279 -19.41 -23.34 -10.81
N ILE A 280 -18.70 -23.26 -9.68
CA ILE A 280 -19.33 -23.39 -8.37
C ILE A 280 -20.07 -22.08 -8.03
N PRO A 281 -21.41 -22.16 -7.81
CA PRO A 281 -22.14 -20.94 -7.46
C PRO A 281 -21.83 -20.45 -6.04
N HIS A 282 -22.08 -19.16 -5.80
CA HIS A 282 -21.77 -18.52 -4.51
C HIS A 282 -22.42 -19.22 -3.31
N GLU A 283 -23.63 -19.73 -3.49
CA GLU A 283 -24.37 -20.40 -2.42
C GLU A 283 -23.72 -21.72 -2.02
N ARG A 284 -23.21 -22.45 -3.02
CA ARG A 284 -22.50 -23.71 -2.79
C ARG A 284 -21.19 -23.47 -2.02
N ARG A 285 -20.52 -22.35 -2.31
CA ARG A 285 -19.24 -22.00 -1.65
C ARG A 285 -19.42 -21.81 -0.15
N ILE A 286 -20.51 -21.15 0.23
CA ILE A 286 -20.84 -20.93 1.63
C ILE A 286 -21.16 -22.26 2.32
N LEU A 287 -21.99 -23.09 1.69
CA LEU A 287 -22.35 -24.39 2.24
C LEU A 287 -21.13 -25.30 2.41
N THR A 288 -20.22 -25.25 1.44
CA THR A 288 -18.95 -25.99 1.51
C THR A 288 -18.11 -25.58 2.72
N ILE A 289 -18.03 -24.27 2.97
CA ILE A 289 -17.30 -23.72 4.11
C ILE A 289 -17.94 -24.13 5.45
N LEU A 290 -19.27 -24.06 5.51
CA LEU A 290 -20.03 -24.54 6.68
C LEU A 290 -19.89 -26.04 6.92
N GLN A 291 -19.84 -26.82 5.84
CA GLN A 291 -19.62 -28.27 5.90
C GLN A 291 -18.23 -28.58 6.44
N TRP A 292 -17.21 -27.91 5.91
CA TRP A 292 -15.84 -28.06 6.40
C TRP A 292 -15.69 -27.70 7.88
N LEU A 293 -16.46 -26.73 8.36
CA LEU A 293 -16.43 -26.36 9.79
C LEU A 293 -17.00 -27.43 10.75
N THR A 294 -17.79 -28.38 10.23
CA THR A 294 -18.33 -29.49 11.03
C THR A 294 -17.45 -30.75 11.01
N LEU A 295 -16.35 -30.73 10.26
CA LEU A 295 -15.41 -31.86 10.21
C LEU A 295 -14.72 -32.11 11.56
N PRO A 296 -14.15 -33.32 11.75
CA PRO A 296 -13.45 -33.60 13.02
C PRO A 296 -12.15 -32.82 13.14
N ASP A 297 -11.66 -32.73 14.37
CA ASP A 297 -10.52 -31.87 14.73
C ASP A 297 -9.25 -32.10 13.89
N HIS A 298 -9.03 -33.33 13.43
CA HIS A 298 -7.84 -33.64 12.64
C HIS A 298 -7.88 -33.11 11.18
N GLU A 299 -9.07 -33.02 10.60
CA GLU A 299 -9.25 -32.58 9.20
C GLU A 299 -9.80 -31.16 9.04
N ARG A 300 -10.35 -30.57 10.10
CA ARG A 300 -11.03 -29.28 10.01
C ARG A 300 -10.04 -28.13 9.79
N PRO A 301 -10.20 -27.37 8.69
CA PRO A 301 -9.36 -26.17 8.52
C PRO A 301 -9.64 -25.07 9.55
N SER A 302 -8.62 -24.24 9.81
CA SER A 302 -8.75 -23.07 10.67
C SER A 302 -8.83 -21.75 9.88
N VAL A 303 -8.41 -21.75 8.61
CA VAL A 303 -8.57 -20.55 7.77
C VAL A 303 -9.36 -20.88 6.49
N TYR A 304 -10.30 -19.99 6.16
CA TYR A 304 -11.19 -20.17 5.00
C TYR A 304 -11.26 -18.89 4.19
N ALA A 305 -11.55 -19.03 2.91
CA ALA A 305 -11.71 -17.90 2.01
C ALA A 305 -12.95 -18.06 1.15
N PHE A 306 -13.64 -16.95 0.94
CA PHE A 306 -14.71 -16.81 -0.03
C PHE A 306 -14.33 -15.66 -0.94
N TYR A 307 -14.59 -15.83 -2.25
CA TYR A 307 -14.38 -14.77 -3.23
C TYR A 307 -15.64 -14.57 -4.05
N SER A 308 -16.00 -13.31 -4.27
CA SER A 308 -17.06 -12.92 -5.20
C SER A 308 -16.50 -12.03 -6.27
N GLU A 309 -16.99 -12.21 -7.49
CA GLU A 309 -16.66 -11.34 -8.62
C GLU A 309 -17.56 -10.10 -8.69
N GLN A 310 -18.59 -10.03 -7.84
CA GLN A 310 -19.44 -8.85 -7.69
C GLN A 310 -18.97 -8.05 -6.46
N PRO A 311 -19.16 -6.73 -6.42
CA PRO A 311 -19.88 -5.93 -7.42
C PRO A 311 -19.07 -5.44 -8.63
N ASP A 312 -17.90 -6.01 -8.88
CA ASP A 312 -17.02 -5.60 -9.97
C ASP A 312 -17.65 -5.74 -11.36
N PHE A 313 -18.17 -6.93 -11.64
CA PHE A 313 -18.73 -7.27 -12.96
C PHE A 313 -19.85 -6.31 -13.38
N SER A 314 -20.71 -5.94 -12.43
CA SER A 314 -21.79 -4.99 -12.66
C SER A 314 -21.26 -3.56 -12.77
N GLY A 315 -20.34 -3.21 -11.87
CA GLY A 315 -19.67 -1.91 -11.87
C GLY A 315 -19.06 -1.53 -13.22
N HIS A 316 -18.46 -2.50 -13.90
CA HIS A 316 -17.96 -2.28 -15.27
C HIS A 316 -19.04 -1.92 -16.27
N LYS A 317 -20.19 -2.59 -16.17
CA LYS A 317 -21.28 -2.38 -17.10
C LYS A 317 -21.99 -1.06 -16.84
N TYR A 318 -22.30 -0.76 -15.58
CA TYR A 318 -23.18 0.37 -15.20
C TYR A 318 -22.50 1.57 -14.53
N GLY A 319 -21.24 1.42 -14.16
CA GLY A 319 -20.52 2.47 -13.43
C GLY A 319 -20.89 2.47 -11.96
N PRO A 320 -20.01 3.04 -11.10
CA PRO A 320 -20.18 2.88 -9.65
C PRO A 320 -21.49 3.41 -9.08
N PHE A 321 -22.05 4.48 -9.66
CA PHE A 321 -23.27 5.12 -9.14
C PHE A 321 -24.52 4.84 -9.97
N GLY A 322 -24.48 3.84 -10.86
CA GLY A 322 -25.67 3.45 -11.63
C GLY A 322 -26.80 2.93 -10.75
N PRO A 323 -28.07 3.12 -11.17
CA PRO A 323 -29.19 2.53 -10.40
C PRO A 323 -29.21 1.00 -10.42
N GLU A 324 -28.59 0.39 -11.43
CA GLU A 324 -28.49 -1.07 -11.55
C GLU A 324 -27.49 -1.70 -10.58
N MET A 325 -26.74 -0.88 -9.83
CA MET A 325 -25.82 -1.40 -8.82
C MET A 325 -26.51 -1.90 -7.55
N THR A 326 -27.73 -1.42 -7.28
CA THR A 326 -28.46 -1.75 -6.04
C THR A 326 -28.69 -3.25 -5.86
N ASN A 327 -29.12 -3.93 -6.94
CA ASN A 327 -29.47 -5.35 -6.87
C ASN A 327 -28.29 -6.33 -6.66
N PRO A 328 -27.14 -6.07 -7.32
CA PRO A 328 -25.90 -6.79 -7.00
C PRO A 328 -25.44 -6.67 -5.54
N LEU A 329 -25.61 -5.49 -4.95
CA LEU A 329 -25.29 -5.29 -3.54
C LEU A 329 -26.24 -6.05 -2.63
N ARG A 330 -27.53 -6.01 -2.95
CA ARG A 330 -28.53 -6.85 -2.28
C ARG A 330 -28.17 -8.34 -2.35
N GLU A 331 -27.76 -8.78 -3.54
CA GLU A 331 -27.37 -10.17 -3.78
C GLU A 331 -26.14 -10.60 -2.96
N ILE A 332 -25.14 -9.73 -2.86
CA ILE A 332 -23.96 -10.00 -2.03
C ILE A 332 -24.32 -10.11 -0.55
N ASP A 333 -25.13 -9.17 -0.07
CA ASP A 333 -25.58 -9.19 1.32
C ASP A 333 -26.43 -10.44 1.63
N LYS A 334 -27.18 -10.91 0.64
CA LYS A 334 -27.92 -12.16 0.76
C LYS A 334 -26.96 -13.34 1.02
N ILE A 335 -25.82 -13.35 0.32
CA ILE A 335 -24.78 -14.37 0.51
C ILE A 335 -24.09 -14.21 1.87
N VAL A 336 -23.87 -12.98 2.33
CA VAL A 336 -23.30 -12.76 3.66
C VAL A 336 -24.28 -13.25 4.75
N GLY A 337 -25.58 -13.03 4.53
CA GLY A 337 -26.62 -13.49 5.47
C GLY A 337 -26.75 -15.00 5.60
N GLN A 338 -26.57 -15.71 4.49
CA GLN A 338 -26.50 -17.18 4.50
C GLN A 338 -25.33 -17.70 5.34
N LEU A 339 -24.18 -17.03 5.26
CA LEU A 339 -22.99 -17.42 6.03
C LEU A 339 -23.19 -17.25 7.54
N MET A 340 -23.75 -16.10 7.95
CA MET A 340 -23.97 -15.80 9.37
C MET A 340 -25.09 -16.65 9.98
N ASP A 341 -26.18 -16.84 9.23
CA ASP A 341 -27.26 -17.72 9.64
C ASP A 341 -26.80 -19.19 9.78
N GLY A 342 -25.96 -19.63 8.85
CA GLY A 342 -25.40 -20.97 8.86
C GLY A 342 -24.42 -21.20 9.99
N LEU A 343 -23.66 -20.16 10.32
CA LEU A 343 -22.75 -20.19 11.47
C LEU A 343 -23.54 -20.24 12.79
N LYS A 344 -24.63 -19.49 12.85
CA LYS A 344 -25.57 -19.54 13.98
C LYS A 344 -26.17 -20.94 14.18
N GLN A 345 -26.59 -21.59 13.09
CA GLN A 345 -27.06 -23.00 13.15
C GLN A 345 -26.05 -23.94 13.79
N LEU A 346 -24.77 -23.73 13.49
CA LEU A 346 -23.67 -24.51 14.07
C LEU A 346 -23.20 -23.97 15.44
N LYS A 347 -23.81 -22.88 15.91
CA LYS A 347 -23.39 -22.18 17.14
C LYS A 347 -21.92 -21.74 17.11
N LEU A 348 -21.47 -21.34 15.92
CA LEU A 348 -20.12 -20.79 15.70
C LEU A 348 -20.16 -19.26 15.44
N HIS A 349 -21.35 -18.66 15.49
CA HIS A 349 -21.53 -17.22 15.26
C HIS A 349 -20.83 -16.28 16.27
N ARG A 350 -20.47 -16.82 17.44
CA ARG A 350 -19.64 -16.12 18.43
C ARG A 350 -18.28 -16.81 18.62
N CYS A 351 -17.81 -17.49 17.59
CA CYS A 351 -16.53 -18.25 17.58
C CYS A 351 -15.59 -17.86 16.42
N VAL A 352 -16.14 -17.65 15.24
CA VAL A 352 -15.37 -17.40 14.02
C VAL A 352 -15.06 -15.91 13.87
N ASN A 353 -13.83 -15.59 13.49
CA ASN A 353 -13.46 -14.23 13.10
C ASN A 353 -13.72 -14.07 11.60
N VAL A 354 -14.41 -13.00 11.21
CA VAL A 354 -14.80 -12.78 9.82
C VAL A 354 -14.21 -11.45 9.33
N ILE A 355 -13.51 -11.52 8.20
CA ILE A 355 -12.96 -10.36 7.53
C ILE A 355 -13.78 -10.14 6.26
N PHE A 356 -14.47 -9.00 6.18
CA PHE A 356 -15.12 -8.55 4.95
C PHE A 356 -14.19 -7.51 4.30
N VAL A 357 -13.63 -7.87 3.16
CA VAL A 357 -12.58 -7.07 2.54
C VAL A 357 -12.76 -7.00 1.02
N GLY A 358 -12.44 -5.86 0.43
CA GLY A 358 -12.42 -5.71 -1.03
C GLY A 358 -11.02 -5.54 -1.56
N ASP A 359 -10.85 -5.79 -2.85
CA ASP A 359 -9.55 -5.61 -3.52
C ASP A 359 -9.31 -4.19 -4.05
N HIS A 360 -10.37 -3.49 -4.45
CA HIS A 360 -10.29 -2.10 -4.93
C HIS A 360 -11.68 -1.50 -5.16
N GLY A 361 -11.72 -0.21 -5.50
CA GLY A 361 -12.96 0.50 -5.80
C GLY A 361 -13.30 0.47 -7.28
N MET A 362 -13.97 1.52 -7.75
CA MET A 362 -14.50 1.59 -9.12
C MET A 362 -14.83 3.04 -9.48
N GLU A 363 -14.55 3.42 -10.72
CA GLU A 363 -14.58 4.80 -11.20
C GLU A 363 -15.33 4.88 -12.52
N ASP A 364 -16.00 6.02 -12.75
CA ASP A 364 -16.68 6.29 -14.03
C ASP A 364 -15.67 6.43 -15.16
N VAL A 365 -15.72 5.52 -16.14
CA VAL A 365 -14.85 5.55 -17.32
C VAL A 365 -15.68 5.15 -18.54
N THR A 366 -15.53 5.85 -19.65
CA THR A 366 -16.22 5.54 -20.89
C THR A 366 -15.26 5.64 -22.08
N CYS A 367 -15.64 5.02 -23.20
CA CYS A 367 -14.83 5.03 -24.43
C CYS A 367 -14.61 6.44 -25.02
N ASP A 368 -15.53 7.37 -24.76
CA ASP A 368 -15.36 8.76 -25.18
C ASP A 368 -14.08 9.34 -24.63
N ARG A 369 -13.80 9.03 -23.36
CA ARG A 369 -12.61 9.52 -22.67
C ARG A 369 -11.44 8.56 -22.84
N THR A 370 -10.93 8.48 -24.08
CA THR A 370 -9.75 7.68 -24.41
C THR A 370 -8.71 8.56 -25.10
N GLU A 371 -7.50 8.55 -24.56
CA GLU A 371 -6.32 9.12 -25.22
C GLU A 371 -5.74 8.03 -26.10
N PHE A 372 -5.25 8.42 -27.27
CA PHE A 372 -4.69 7.47 -28.23
C PHE A 372 -3.24 7.80 -28.47
N LEU A 373 -2.36 6.82 -28.25
CA LEU A 373 -0.93 7.00 -28.44
C LEU A 373 -0.53 7.38 -29.87
N SER A 374 -1.35 6.96 -30.84
CA SER A 374 -1.15 7.34 -32.24
C SER A 374 -1.23 8.86 -32.52
N ASN A 375 -1.88 9.63 -31.64
CA ASN A 375 -1.88 11.11 -31.73
C ASN A 375 -0.60 11.78 -31.23
N TYR A 376 0.28 11.02 -30.58
CA TYR A 376 1.53 11.53 -30.00
C TYR A 376 2.80 10.93 -30.65
N LEU A 377 2.75 9.65 -31.03
CA LEU A 377 3.87 8.94 -31.62
C LEU A 377 3.62 8.64 -33.09
N THR A 378 4.72 8.45 -33.84
CA THR A 378 4.67 8.21 -35.29
C THR A 378 4.37 6.75 -35.58
N ASN A 379 5.20 5.86 -35.04
CA ASN A 379 5.06 4.41 -35.25
C ASN A 379 4.58 3.70 -33.99
N VAL A 380 3.27 3.53 -33.90
CA VAL A 380 2.66 2.73 -32.84
C VAL A 380 2.57 1.24 -33.20
N ASP A 381 2.92 0.88 -34.43
CA ASP A 381 3.01 -0.53 -34.84
C ASP A 381 4.30 -1.21 -34.36
N ASP A 382 5.27 -0.44 -33.87
CA ASP A 382 6.53 -0.98 -33.32
C ASP A 382 6.56 -1.12 -31.79
N ILE A 383 5.50 -0.71 -31.10
CA ILE A 383 5.43 -0.83 -29.65
C ILE A 383 4.28 -1.73 -29.23
N THR A 384 4.44 -2.35 -28.06
CA THR A 384 3.39 -3.09 -27.39
C THR A 384 2.92 -2.25 -26.20
N LEU A 385 1.61 -2.15 -26.03
CA LEU A 385 1.00 -1.35 -24.97
C LEU A 385 0.08 -2.24 -24.15
N VAL A 386 0.30 -2.28 -22.84
CA VAL A 386 -0.66 -2.85 -21.90
C VAL A 386 -1.59 -1.67 -21.57
N PRO A 387 -2.84 -1.67 -22.10
CA PRO A 387 -3.65 -0.44 -22.11
C PRO A 387 -4.66 -0.29 -20.98
N GLY A 388 -5.37 0.84 -20.97
CA GLY A 388 -6.49 1.07 -20.08
C GLY A 388 -6.22 2.16 -19.05
N THR A 389 -6.48 1.83 -17.80
CA THR A 389 -6.34 2.75 -16.67
C THR A 389 -4.90 2.90 -16.20
N LEU A 390 -3.98 2.12 -16.77
CA LEU A 390 -2.55 2.42 -16.76
C LEU A 390 -1.98 2.10 -18.14
N GLY A 391 -0.75 2.54 -18.38
CA GLY A 391 -0.01 2.21 -19.60
C GLY A 391 1.34 1.62 -19.26
N ARG A 392 1.72 0.57 -19.98
CA ARG A 392 3.08 0.05 -19.93
C ARG A 392 3.53 -0.16 -21.39
N ILE A 393 4.66 0.44 -21.75
CA ILE A 393 5.16 0.44 -23.13
C ILE A 393 6.50 -0.29 -23.20
N ARG A 394 6.61 -1.19 -24.18
CA ARG A 394 7.89 -1.78 -24.57
C ARG A 394 7.92 -1.96 -26.09
N SER A 395 9.10 -2.31 -26.61
CA SER A 395 9.26 -2.60 -28.02
C SER A 395 8.52 -3.91 -28.34
N LYS A 396 7.83 -3.93 -29.47
CA LYS A 396 7.16 -5.14 -29.96
C LYS A 396 8.18 -6.16 -30.44
N PHE A 397 9.15 -5.70 -31.22
CA PHE A 397 10.24 -6.56 -31.72
C PHE A 397 11.56 -6.22 -31.04
N SER A 398 12.27 -7.25 -30.55
CA SER A 398 13.65 -7.10 -30.09
C SER A 398 14.59 -6.99 -31.28
N ASN A 399 15.78 -6.42 -31.05
CA ASN A 399 16.72 -6.08 -32.12
C ASN A 399 16.11 -5.11 -33.14
N ASN A 400 15.41 -4.10 -32.61
CA ASN A 400 14.82 -3.03 -33.40
C ASN A 400 15.58 -1.75 -33.09
N ALA A 401 16.51 -1.40 -33.98
CA ALA A 401 17.33 -0.20 -33.83
C ALA A 401 16.53 1.10 -33.97
N LYS A 402 15.41 1.05 -34.67
CA LYS A 402 14.51 2.22 -34.80
C LYS A 402 13.81 2.61 -33.47
N TYR A 403 13.68 1.66 -32.53
CA TYR A 403 13.04 1.91 -31.23
C TYR A 403 13.92 2.75 -30.30
N ASP A 404 13.41 3.91 -29.88
CA ASP A 404 14.13 4.84 -29.00
C ASP A 404 13.23 5.24 -27.81
N PRO A 405 13.55 4.77 -26.59
CA PRO A 405 12.78 5.12 -25.37
C PRO A 405 12.74 6.61 -25.01
N LYS A 406 13.85 7.31 -25.21
CA LYS A 406 13.93 8.75 -24.91
C LYS A 406 13.00 9.55 -25.81
N ALA A 407 13.00 9.21 -27.10
CA ALA A 407 12.14 9.84 -28.08
C ALA A 407 10.65 9.59 -27.80
N ILE A 408 10.32 8.36 -27.36
CA ILE A 408 8.95 8.03 -26.98
C ILE A 408 8.49 8.85 -25.76
N ILE A 409 9.34 8.96 -24.75
CA ILE A 409 9.00 9.75 -23.55
C ILE A 409 8.90 11.25 -23.86
N ALA A 410 9.83 11.78 -24.65
CA ALA A 410 9.81 13.19 -25.07
C ALA A 410 8.54 13.55 -25.83
N ASN A 411 8.14 12.68 -26.75
CA ASN A 411 6.92 12.88 -27.55
C ASN A 411 5.61 12.76 -26.77
N LEU A 412 5.65 12.07 -25.64
CA LEU A 412 4.49 11.94 -24.74
C LEU A 412 4.43 12.98 -23.61
N THR A 413 5.41 13.88 -23.54
CA THR A 413 5.58 14.80 -22.41
C THR A 413 4.99 16.20 -22.70
N CYS A 414 3.92 16.54 -21.98
CA CYS A 414 3.32 17.88 -22.00
C CYS A 414 3.13 18.46 -23.40
N LYS A 415 2.34 17.75 -24.21
CA LYS A 415 1.99 18.17 -25.58
C LYS A 415 0.70 18.96 -25.65
N LYS A 416 -0.22 18.73 -24.70
CA LYS A 416 -1.43 19.54 -24.56
C LYS A 416 -1.49 20.18 -23.17
N PRO A 417 -2.26 21.28 -23.02
CA PRO A 417 -2.55 21.84 -21.68
C PRO A 417 -3.23 20.84 -20.74
N ASP A 418 -4.18 20.08 -21.27
CA ASP A 418 -5.04 19.20 -20.49
C ASP A 418 -4.85 17.71 -20.84
N GLN A 419 -3.60 17.32 -21.05
CA GLN A 419 -3.23 15.93 -21.35
C GLN A 419 -3.65 15.01 -20.18
N HIS A 420 -4.33 13.91 -20.51
CA HIS A 420 -4.94 13.04 -19.49
C HIS A 420 -4.11 11.82 -19.11
N PHE A 421 -2.79 11.93 -19.29
CA PHE A 421 -1.85 10.93 -18.78
C PHE A 421 -0.50 11.62 -18.67
N LYS A 422 0.44 10.95 -18.02
CA LYS A 422 1.80 11.45 -17.88
C LYS A 422 2.77 10.29 -18.02
N PRO A 423 3.81 10.44 -18.88
CA PRO A 423 4.81 9.38 -19.00
C PRO A 423 5.85 9.45 -17.89
N TYR A 424 6.38 8.28 -17.53
CA TYR A 424 7.42 8.14 -16.53
C TYR A 424 8.32 6.97 -16.91
N LEU A 425 9.63 7.13 -16.73
CA LEU A 425 10.50 5.97 -16.52
C LEU A 425 10.12 5.43 -15.14
N LYS A 426 10.09 4.10 -14.99
CA LYS A 426 9.54 3.50 -13.77
C LYS A 426 10.25 3.92 -12.48
N GLN A 427 11.56 4.16 -12.55
CA GLN A 427 12.34 4.63 -11.40
C GLN A 427 11.98 6.06 -10.97
N HIS A 428 11.35 6.82 -11.86
CA HIS A 428 10.88 8.19 -11.54
C HIS A 428 9.43 8.24 -11.05
N LEU A 429 8.76 7.10 -10.97
CA LEU A 429 7.42 7.05 -10.38
C LEU A 429 7.49 7.43 -8.90
N PRO A 430 6.43 8.08 -8.37
CA PRO A 430 6.31 8.33 -6.94
C PRO A 430 6.62 7.09 -6.13
N LYS A 431 7.50 7.24 -5.15
CA LYS A 431 8.05 6.11 -4.42
C LYS A 431 7.02 5.39 -3.55
N ARG A 432 5.97 6.11 -3.11
CA ARG A 432 4.82 5.51 -2.45
C ARG A 432 4.13 4.37 -3.23
N LEU A 433 4.24 4.36 -4.56
CA LEU A 433 3.70 3.27 -5.38
C LEU A 433 4.53 1.98 -5.34
N HIS A 434 5.80 2.06 -4.97
CA HIS A 434 6.69 0.90 -4.90
C HIS A 434 6.58 0.02 -6.14
N TYR A 435 6.69 0.64 -7.32
CA TYR A 435 6.39 -0.01 -8.60
C TYR A 435 7.53 0.17 -9.62
N ALA A 436 8.67 -0.44 -9.28
CA ALA A 436 9.85 -0.43 -10.15
C ALA A 436 10.64 -1.75 -10.13
N ASN A 437 10.89 -2.29 -8.94
CA ASN A 437 11.83 -3.40 -8.77
C ASN A 437 11.28 -4.78 -9.20
N ASN A 438 11.05 -4.90 -10.49
CA ASN A 438 10.67 -6.17 -11.10
C ASN A 438 10.92 -6.09 -12.60
N ARG A 439 11.52 -7.14 -13.15
CA ARG A 439 11.77 -7.22 -14.60
C ARG A 439 10.47 -7.32 -15.43
N ARG A 440 9.36 -7.67 -14.78
CA ARG A 440 8.03 -7.69 -15.43
C ARG A 440 7.38 -6.32 -15.57
N ILE A 441 7.90 -5.31 -14.86
CA ILE A 441 7.42 -3.95 -15.01
C ILE A 441 8.29 -3.26 -16.06
N GLU A 442 7.66 -2.73 -17.09
CA GLU A 442 8.37 -2.13 -18.22
C GLU A 442 8.95 -0.78 -17.81
N ASP A 443 10.05 -0.39 -18.45
CA ASP A 443 10.73 0.87 -18.17
C ASP A 443 9.81 2.08 -18.34
N ILE A 444 9.04 2.08 -19.42
CA ILE A 444 8.11 3.18 -19.72
C ILE A 444 6.75 2.90 -19.10
N HIS A 445 6.29 3.82 -18.26
CA HIS A 445 5.00 3.74 -17.61
C HIS A 445 4.16 5.00 -17.84
N LEU A 446 2.87 4.82 -18.02
CA LEU A 446 1.92 5.93 -18.11
C LEU A 446 0.97 5.88 -16.90
N LEU A 447 1.01 6.93 -16.08
CA LEU A 447 -0.04 7.16 -15.10
C LEU A 447 -1.18 7.88 -15.82
N VAL A 448 -2.36 7.26 -15.79
CA VAL A 448 -3.54 7.79 -16.46
C VAL A 448 -4.36 8.60 -15.44
N GLU A 449 -4.88 9.75 -15.88
CA GLU A 449 -5.75 10.58 -15.05
C GLU A 449 -7.03 9.79 -14.74
N ARG A 450 -7.55 9.95 -13.53
CA ARG A 450 -8.78 9.27 -13.14
C ARG A 450 -9.90 9.60 -14.15
N ARG A 451 -10.76 8.62 -14.39
CA ARG A 451 -11.89 8.69 -15.34
C ARG A 451 -11.52 8.46 -16.83
N TRP A 452 -10.24 8.22 -17.13
CA TRP A 452 -9.73 8.13 -18.52
C TRP A 452 -9.10 6.79 -18.80
N HIS A 453 -8.94 6.49 -20.09
CA HIS A 453 -8.19 5.34 -20.58
C HIS A 453 -7.09 5.81 -21.51
N VAL A 454 -6.11 4.93 -21.70
CA VAL A 454 -5.11 5.09 -22.75
C VAL A 454 -5.14 3.83 -23.63
N ALA A 455 -5.06 4.03 -24.93
CA ALA A 455 -5.06 2.96 -25.92
C ALA A 455 -4.04 3.30 -27.00
N ARG A 456 -3.74 2.32 -27.85
CA ARG A 456 -2.68 2.48 -28.86
C ARG A 456 -3.15 3.32 -30.03
N LYS A 457 -4.32 2.98 -30.56
CA LYS A 457 -4.94 3.70 -31.69
C LYS A 457 -6.43 3.34 -31.80
N PRO A 458 -7.27 4.22 -32.39
CA PRO A 458 -8.71 3.93 -32.47
C PRO A 458 -9.07 2.97 -33.60
N CYS A 469 -20.64 2.54 -26.03
CA CYS A 469 -19.63 1.87 -25.21
C CYS A 469 -20.24 0.74 -24.36
N PHE A 470 -19.61 -0.42 -24.37
CA PHE A 470 -20.05 -1.56 -23.56
C PHE A 470 -19.90 -1.31 -22.05
N PHE A 471 -18.83 -0.60 -21.67
CA PHE A 471 -18.47 -0.37 -20.27
C PHE A 471 -18.75 1.07 -19.83
N GLN A 472 -19.06 1.24 -18.55
CA GLN A 472 -19.18 2.57 -17.91
C GLN A 472 -18.33 2.70 -16.63
N GLY A 473 -17.48 1.72 -16.35
CA GLY A 473 -16.73 1.69 -15.09
C GLY A 473 -15.44 0.93 -15.24
N ASP A 474 -14.39 1.44 -14.60
CA ASP A 474 -13.11 0.75 -14.58
C ASP A 474 -12.29 1.21 -13.37
N HIS A 475 -11.16 0.53 -13.18
CA HIS A 475 -10.25 0.80 -12.08
C HIS A 475 -8.84 0.40 -12.52
N GLY A 476 -7.86 0.64 -11.65
CA GLY A 476 -6.44 0.42 -11.98
C GLY A 476 -5.57 1.64 -11.79
N PHE A 477 -6.22 2.78 -11.56
CA PHE A 477 -5.56 4.08 -11.35
C PHE A 477 -4.73 4.09 -10.08
N ASP A 478 -3.86 5.10 -9.97
CA ASP A 478 -3.15 5.48 -8.76
C ASP A 478 -3.93 5.13 -7.48
N ASN A 479 -3.28 4.44 -6.56
CA ASN A 479 -3.97 3.89 -5.40
C ASN A 479 -4.31 4.90 -4.29
N LYS A 480 -3.96 6.18 -4.46
CA LYS A 480 -4.50 7.22 -3.55
C LYS A 480 -5.75 7.94 -4.08
N VAL A 481 -6.27 7.52 -5.23
CA VAL A 481 -7.50 8.12 -5.80
C VAL A 481 -8.71 7.61 -5.01
N ASN A 482 -9.52 8.55 -4.50
CA ASN A 482 -10.70 8.23 -3.67
C ASN A 482 -11.57 7.09 -4.20
N SER A 483 -11.86 7.11 -5.50
CA SER A 483 -12.73 6.10 -6.10
C SER A 483 -12.11 4.70 -6.14
N MET A 484 -10.78 4.59 -6.09
CA MET A 484 -10.07 3.31 -5.95
C MET A 484 -10.07 2.72 -4.54
N GLN A 485 -10.49 3.48 -3.53
CA GLN A 485 -10.44 3.02 -2.15
C GLN A 485 -11.51 1.98 -1.91
N THR A 486 -11.20 1.00 -1.05
CA THR A 486 -12.08 -0.14 -0.84
C THR A 486 -12.41 -0.31 0.64
N VAL A 487 -12.83 -1.51 1.04
CA VAL A 487 -13.55 -1.70 2.29
C VAL A 487 -12.84 -2.70 3.20
N PHE A 488 -12.98 -2.50 4.52
CA PHE A 488 -12.54 -3.47 5.52
C PHE A 488 -13.47 -3.49 6.72
N VAL A 489 -13.92 -4.69 7.09
CA VAL A 489 -14.65 -4.95 8.33
C VAL A 489 -14.07 -6.21 8.98
N GLY A 490 -13.82 -6.14 10.29
CA GLY A 490 -13.37 -7.27 11.10
C GLY A 490 -14.38 -7.51 12.19
N TYR A 491 -14.95 -8.72 12.23
CA TYR A 491 -15.98 -9.09 13.21
C TYR A 491 -15.68 -10.46 13.81
N GLY A 492 -15.68 -10.52 15.14
CA GLY A 492 -15.46 -11.79 15.86
C GLY A 492 -14.84 -11.61 17.23
N PRO A 493 -14.58 -12.72 17.94
CA PRO A 493 -14.04 -12.66 19.32
C PRO A 493 -12.70 -11.92 19.46
N THR A 494 -11.87 -11.96 18.42
CA THR A 494 -10.54 -11.34 18.49
C THR A 494 -10.51 -9.88 17.98
N PHE A 495 -11.49 -9.48 17.15
CA PHE A 495 -11.66 -8.06 16.80
C PHE A 495 -12.41 -7.32 17.90
N LYS A 496 -12.19 -6.01 17.98
CA LYS A 496 -12.88 -5.15 18.95
C LYS A 496 -14.37 -4.98 18.66
N TYR A 497 -15.09 -4.48 19.66
CA TYR A 497 -16.54 -4.31 19.66
C TYR A 497 -16.91 -2.85 19.36
N LYS A 498 -17.71 -2.64 18.32
CA LYS A 498 -18.19 -1.29 17.89
C LYS A 498 -17.08 -0.24 17.82
N THR A 499 -15.96 -0.58 17.19
CA THR A 499 -14.79 0.30 17.16
C THR A 499 -14.49 0.77 15.73
N LYS A 500 -14.12 2.04 15.64
CA LYS A 500 -13.76 2.70 14.40
C LYS A 500 -12.25 2.87 14.42
N VAL A 501 -11.59 2.57 13.31
CA VAL A 501 -10.14 2.70 13.22
C VAL A 501 -9.76 3.54 11.99
N PRO A 502 -8.58 4.20 12.04
CA PRO A 502 -8.12 4.97 10.88
C PRO A 502 -7.94 4.12 9.60
N PRO A 503 -8.04 4.74 8.42
CA PRO A 503 -7.73 4.04 7.17
C PRO A 503 -6.34 3.44 7.19
N PHE A 504 -6.15 2.32 6.48
CA PHE A 504 -4.84 1.66 6.41
C PHE A 504 -4.71 0.91 5.09
N GLU A 505 -3.48 0.49 4.79
CA GLU A 505 -3.16 -0.16 3.54
C GLU A 505 -3.34 -1.68 3.65
N ASN A 506 -3.82 -2.29 2.56
CA ASN A 506 -4.08 -3.73 2.56
C ASN A 506 -2.83 -4.62 2.77
N ILE A 507 -1.65 -4.08 2.50
CA ILE A 507 -0.37 -4.76 2.80
C ILE A 507 -0.20 -5.15 4.27
N GLU A 508 -0.95 -4.48 5.16
CA GLU A 508 -0.89 -4.72 6.60
C GLU A 508 -1.72 -5.92 7.09
N LEU A 509 -2.67 -6.41 6.30
CA LEU A 509 -3.59 -7.46 6.78
C LEU A 509 -2.97 -8.86 6.92
N TYR A 510 -1.96 -9.17 6.11
CA TYR A 510 -1.26 -10.46 6.22
C TYR A 510 -0.81 -10.73 7.66
N ASN A 511 -0.16 -9.73 8.27
CA ASN A 511 0.31 -9.81 9.66
C ASN A 511 -0.82 -10.00 10.67
N VAL A 512 -1.93 -9.31 10.45
CA VAL A 512 -3.09 -9.39 11.33
C VAL A 512 -3.67 -10.79 11.24
N MET A 513 -3.81 -11.27 10.00
CA MET A 513 -4.37 -12.61 9.77
C MET A 513 -3.48 -13.72 10.34
N CYS A 514 -2.16 -13.51 10.32
CA CYS A 514 -1.22 -14.40 11.00
C CYS A 514 -1.38 -14.36 12.52
N ASP A 515 -1.50 -13.16 13.09
CA ASP A 515 -1.76 -12.99 14.52
C ASP A 515 -3.01 -13.74 14.93
N LEU A 516 -4.09 -13.52 14.18
CA LEU A 516 -5.40 -14.17 14.42
C LEU A 516 -5.38 -15.70 14.39
N LEU A 517 -4.46 -16.30 13.66
CA LEU A 517 -4.30 -17.75 13.59
C LEU A 517 -3.12 -18.30 14.42
N GLY A 518 -2.45 -17.43 15.19
CA GLY A 518 -1.26 -17.80 15.96
C GLY A 518 -0.03 -18.17 15.15
N LEU A 519 0.12 -17.54 13.96
CA LEU A 519 1.22 -17.85 13.03
C LEU A 519 2.35 -16.81 13.06
N LYS A 520 3.58 -17.28 12.83
CA LYS A 520 4.72 -16.38 12.60
C LYS A 520 4.70 -15.95 11.12
N PRO A 521 4.47 -14.64 10.85
CA PRO A 521 4.46 -14.20 9.45
C PRO A 521 5.82 -14.30 8.77
N ALA A 522 5.81 -14.61 7.47
CA ALA A 522 7.01 -14.52 6.63
C ALA A 522 7.37 -13.04 6.44
N PRO A 523 8.65 -12.74 6.12
CA PRO A 523 9.02 -11.34 5.85
C PRO A 523 8.11 -10.69 4.79
N ASN A 524 7.43 -9.62 5.18
CA ASN A 524 6.49 -8.91 4.30
C ASN A 524 6.63 -7.39 4.44
N ASN A 525 5.84 -6.63 3.69
CA ASN A 525 5.94 -5.16 3.69
C ASN A 525 5.00 -4.45 4.64
N GLY A 526 4.17 -5.19 5.36
CA GLY A 526 3.43 -4.62 6.50
C GLY A 526 4.38 -4.22 7.60
N THR A 527 3.87 -3.50 8.59
CA THR A 527 4.65 -3.06 9.73
C THR A 527 3.98 -3.70 10.94
N HIS A 528 4.55 -4.83 11.37
CA HIS A 528 3.92 -5.70 12.38
C HIS A 528 3.85 -4.96 13.70
N GLY A 529 2.63 -4.80 14.21
CA GLY A 529 2.36 -3.92 15.35
C GLY A 529 1.55 -2.67 15.01
N SER A 530 1.48 -2.30 13.73
CA SER A 530 0.77 -1.08 13.30
C SER A 530 -0.76 -1.18 13.39
N LEU A 531 -1.29 -2.41 13.38
CA LEU A 531 -2.74 -2.65 13.47
C LEU A 531 -3.17 -3.34 14.79
N ASN A 532 -2.32 -3.32 15.83
CA ASN A 532 -2.71 -3.83 17.15
C ASN A 532 -4.02 -3.23 17.69
N HIS A 533 -4.25 -1.94 17.39
CA HIS A 533 -5.50 -1.26 17.79
C HIS A 533 -6.80 -1.77 17.12
N LEU A 534 -6.72 -2.73 16.21
CA LEU A 534 -7.90 -3.46 15.69
C LEU A 534 -8.36 -4.63 16.59
N LEU A 535 -7.44 -5.20 17.38
CA LEU A 535 -7.70 -6.44 18.11
C LEU A 535 -7.97 -6.22 19.59
N ARG A 536 -8.90 -7.01 20.13
CA ARG A 536 -9.15 -7.07 21.58
C ARG A 536 -7.90 -7.52 22.34
N THR A 537 -7.22 -8.52 21.79
CA THR A 537 -6.01 -9.11 22.38
C THR A 537 -5.01 -9.53 21.29
N PHE A 540 0.99 -10.15 19.67
CA PHE A 540 2.30 -9.69 19.21
C PHE A 540 2.71 -8.33 19.78
N ARG A 541 3.86 -8.31 20.45
CA ARG A 541 4.44 -7.12 21.07
C ARG A 541 5.62 -6.64 20.22
N PRO A 542 5.50 -5.47 19.56
CA PRO A 542 6.59 -5.03 18.67
C PRO A 542 7.79 -4.43 19.41
N THR A 543 8.99 -4.69 18.89
CA THR A 543 10.23 -4.19 19.45
C THR A 543 10.84 -3.15 18.54
N MET A 544 11.44 -2.13 19.16
CA MET A 544 12.13 -1.06 18.44
C MET A 544 13.47 -1.63 17.97
N PRO A 545 13.90 -1.32 16.72
CA PRO A 545 15.20 -1.87 16.26
C PRO A 545 16.42 -1.35 17.03
N GLU A 546 17.47 -2.18 17.06
CA GLU A 546 18.71 -1.87 17.77
C GLU A 546 19.52 -0.90 16.94
N GLU A 547 20.07 0.13 17.59
CA GLU A 547 20.97 1.07 16.92
C GLU A 547 22.26 0.36 16.57
N VAL A 548 22.66 0.42 15.30
CA VAL A 548 23.84 -0.29 14.82
C VAL A 548 25.11 0.55 14.98
N THR A 549 25.05 1.81 14.58
CA THR A 549 26.16 2.75 14.73
C THR A 549 25.80 3.84 15.74
N ARG A 550 26.65 3.99 16.77
CA ARG A 550 26.53 5.11 17.72
C ARG A 550 27.15 6.36 17.07
N PRO A 551 26.60 7.55 17.37
CA PRO A 551 27.17 8.79 16.81
C PRO A 551 28.48 9.19 17.49
N ASN A 552 29.27 10.00 16.79
CA ASN A 552 30.35 10.77 17.41
C ASN A 552 29.85 12.18 17.69
N TYR A 553 30.39 12.80 18.73
CA TYR A 553 30.06 14.17 19.11
C TYR A 553 31.35 14.98 19.07
N PRO A 554 31.84 15.30 17.86
CA PRO A 554 33.10 16.01 17.79
C PRO A 554 33.03 17.45 18.27
N GLY A 555 34.01 17.84 19.09
CA GLY A 555 34.28 19.24 19.38
C GLY A 555 35.17 19.84 18.30
N ILE A 556 35.76 20.99 18.61
CA ILE A 556 36.60 21.73 17.65
C ILE A 556 37.92 21.00 17.47
N MET A 557 38.20 20.51 16.25
CA MET A 557 39.41 19.70 16.02
C MET A 557 40.30 20.10 14.84
N TYR A 558 39.93 21.12 14.06
CA TYR A 558 40.71 21.54 12.89
C TYR A 558 40.81 23.05 12.83
N LEU A 559 41.90 23.53 12.25
CA LEU A 559 42.13 24.97 12.07
C LEU A 559 41.47 25.38 10.77
N GLN A 560 41.08 26.66 10.66
CA GLN A 560 40.59 27.22 9.39
C GLN A 560 41.58 27.03 8.24
N SER A 561 42.88 27.15 8.53
CA SER A 561 43.92 27.01 7.51
C SER A 561 44.20 25.57 7.03
N ASP A 562 43.66 24.57 7.71
CA ASP A 562 43.71 23.17 7.25
C ASP A 562 42.88 22.91 5.97
N PHE A 563 41.89 23.76 5.72
CA PHE A 563 40.95 23.59 4.60
C PHE A 563 41.45 24.29 3.32
N ASP A 564 41.41 23.56 2.20
CA ASP A 564 41.67 24.11 0.87
C ASP A 564 40.53 23.66 -0.05
N LEU A 565 39.33 24.13 0.29
CA LEU A 565 38.09 23.71 -0.39
C LEU A 565 37.65 24.68 -1.50
N GLY A 566 38.38 25.77 -1.72
CA GLY A 566 38.03 26.76 -2.74
C GLY A 566 36.74 27.52 -2.45
N CYS A 567 36.37 27.59 -1.17
CA CYS A 567 35.14 28.24 -0.72
C CYS A 567 35.49 29.58 -0.09
N THR A 568 34.60 30.55 -0.25
CA THR A 568 34.77 31.91 0.28
C THR A 568 33.54 32.33 1.09
N CYS A 569 33.64 33.45 1.80
CA CYS A 569 32.54 33.96 2.63
C CYS A 569 32.52 35.48 2.68
N THR A 588 19.06 23.73 22.21
CA THR A 588 19.08 23.16 20.87
C THR A 588 18.18 21.92 20.76
N GLU A 589 18.51 20.85 21.48
CA GLU A 589 17.75 19.60 21.42
C GLU A 589 16.31 19.78 21.89
N GLU A 590 16.10 20.56 22.95
CA GLU A 590 14.76 20.84 23.46
C GLU A 590 13.86 21.52 22.43
N ARG A 591 14.46 22.41 21.63
CA ARG A 591 13.72 23.15 20.60
C ARG A 591 13.64 22.42 19.24
N HIS A 592 14.73 21.79 18.82
CA HIS A 592 14.90 21.33 17.43
C HIS A 592 14.93 19.83 17.18
N LEU A 593 15.12 19.03 18.23
CA LEU A 593 15.09 17.58 18.12
C LEU A 593 14.08 17.05 19.14
N LEU A 594 12.83 16.97 18.72
CA LEU A 594 11.70 16.75 19.64
C LEU A 594 11.42 15.30 19.95
N TYR A 595 11.71 14.39 19.02
CA TYR A 595 11.34 12.98 19.18
C TYR A 595 12.55 12.04 19.22
N GLY A 596 13.66 12.54 19.77
CA GLY A 596 14.93 11.79 19.85
C GLY A 596 15.77 11.89 18.59
N ARG A 597 17.03 11.49 18.68
CA ARG A 597 17.90 11.44 17.50
C ARG A 597 17.48 10.19 16.72
N PRO A 598 17.48 10.26 15.37
CA PRO A 598 17.27 9.04 14.58
C PRO A 598 18.34 7.99 14.82
N ALA A 599 17.96 6.72 14.78
CA ALA A 599 18.92 5.61 14.92
C ALA A 599 19.41 5.21 13.53
N VAL A 600 20.72 5.26 13.31
CA VAL A 600 21.33 4.73 12.10
C VAL A 600 21.38 3.20 12.27
N LEU A 601 20.77 2.45 11.33
CA LEU A 601 20.64 0.99 11.42
C LEU A 601 21.57 0.24 10.47
N TYR A 602 22.67 0.87 10.08
CA TYR A 602 23.70 0.23 9.28
C TYR A 602 25.08 0.68 9.78
N ARG A 603 26.09 -0.07 9.35
CA ARG A 603 27.49 0.16 9.77
C ARG A 603 28.07 1.35 8.99
N THR A 604 28.34 2.43 9.70
CA THR A 604 28.93 3.61 9.09
C THR A 604 29.67 4.46 10.12
N ARG A 605 29.98 5.70 9.77
CA ARG A 605 30.56 6.66 10.69
C ARG A 605 29.90 8.03 10.48
N TYR A 606 29.35 8.61 11.54
CA TYR A 606 28.65 9.90 11.47
C TYR A 606 28.77 10.74 12.75
N ASP A 607 28.63 12.06 12.60
CA ASP A 607 28.78 13.04 13.68
C ASP A 607 27.46 13.74 13.94
N ILE A 608 27.16 14.01 15.21
CA ILE A 608 26.05 14.90 15.55
C ILE A 608 26.63 16.29 15.64
N LEU A 609 26.07 17.23 14.89
CA LEU A 609 26.51 18.61 14.89
C LEU A 609 25.39 19.51 15.43
N TYR A 610 25.66 20.19 16.54
CA TYR A 610 24.71 21.12 17.16
C TYR A 610 24.86 22.54 16.60
N HIS A 611 23.73 23.24 16.50
CA HIS A 611 23.68 24.65 16.12
C HIS A 611 22.51 25.32 16.87
N THR A 612 22.44 26.64 16.80
CA THR A 612 21.36 27.39 17.45
C THR A 612 19.98 27.04 16.86
N ASP A 613 19.91 27.00 15.53
CA ASP A 613 18.65 26.83 14.81
C ASP A 613 18.35 25.41 14.33
N PHE A 614 19.36 24.53 14.33
CA PHE A 614 19.19 23.17 13.81
C PHE A 614 20.24 22.17 14.32
N GLU A 615 19.90 20.90 14.18
CA GLU A 615 20.79 19.80 14.55
C GLU A 615 20.89 18.85 13.36
N SER A 616 22.01 18.14 13.25
CA SER A 616 22.22 17.26 12.12
C SER A 616 23.06 16.04 12.46
N GLY A 617 22.86 14.98 11.69
CA GLY A 617 23.67 13.77 11.75
C GLY A 617 24.51 13.73 10.49
N TYR A 618 25.74 14.23 10.58
CA TYR A 618 26.63 14.37 9.41
C TYR A 618 27.38 13.08 9.10
N SER A 619 27.18 12.54 7.89
CA SER A 619 27.87 11.32 7.46
C SER A 619 29.24 11.64 6.89
N GLU A 620 30.27 11.04 7.48
CA GLU A 620 31.63 11.13 6.96
C GLU A 620 31.87 10.18 5.76
N ILE A 621 30.94 9.26 5.49
CA ILE A 621 31.05 8.39 4.31
C ILE A 621 30.43 9.06 3.08
N PHE A 622 29.20 9.56 3.23
CA PHE A 622 28.48 10.22 2.12
C PHE A 622 28.74 11.72 2.02
N LEU A 623 29.52 12.28 2.94
CA LEU A 623 29.98 13.68 2.91
C LEU A 623 28.84 14.71 2.95
N MET A 624 27.77 14.37 3.65
CA MET A 624 26.65 15.30 3.86
C MET A 624 25.82 14.79 5.02
N PRO A 625 24.81 15.57 5.47
CA PRO A 625 23.93 15.02 6.49
C PRO A 625 23.07 13.85 6.02
N LEU A 626 22.88 12.88 6.90
CA LEU A 626 21.86 11.85 6.74
C LEU A 626 20.49 12.46 7.08
N TRP A 627 20.46 13.32 8.10
CA TRP A 627 19.26 14.01 8.52
C TRP A 627 19.57 15.40 9.08
N THR A 628 18.55 16.26 9.10
CA THR A 628 18.64 17.60 9.65
C THR A 628 17.31 17.96 10.30
N SER A 629 17.33 18.26 11.59
CA SER A 629 16.12 18.47 12.38
C SER A 629 16.01 19.93 12.82
N TYR A 630 14.86 20.54 12.56
CA TYR A 630 14.63 21.91 13.02
C TYR A 630 13.16 22.24 13.16
N THR A 631 12.89 23.20 14.04
CA THR A 631 11.55 23.53 14.48
C THR A 631 11.29 24.99 14.14
N VAL A 632 10.22 25.22 13.40
CA VAL A 632 9.73 26.55 13.07
C VAL A 632 8.46 26.77 13.88
N SER A 633 8.45 27.81 14.71
CA SER A 633 7.26 28.16 15.49
C SER A 633 6.22 28.85 14.61
N LYS A 634 5.01 28.95 15.16
CA LYS A 634 3.85 29.52 14.47
C LYS A 634 4.14 30.90 13.88
N GLN A 635 4.74 31.78 14.67
CA GLN A 635 4.96 33.17 14.28
C GLN A 635 6.40 33.46 13.82
N ALA A 636 7.07 32.46 13.23
CA ALA A 636 8.47 32.61 12.82
C ALA A 636 8.60 33.52 11.61
N GLU A 637 9.67 34.33 11.59
CA GLU A 637 9.91 35.30 10.52
C GLU A 637 10.84 34.72 9.44
N VAL A 638 10.46 34.93 8.18
CA VAL A 638 11.34 34.68 7.04
C VAL A 638 12.09 35.98 6.75
N SER A 639 13.41 35.95 6.89
CA SER A 639 14.28 37.02 6.39
C SER A 639 14.88 36.55 5.06
N SER A 640 15.72 37.38 4.46
CA SER A 640 16.48 37.02 3.25
C SER A 640 17.98 37.06 3.52
N VAL A 641 18.74 36.55 2.55
CA VAL A 641 20.20 36.56 2.58
C VAL A 641 20.65 37.87 1.92
N PRO A 642 21.53 38.65 2.58
CA PRO A 642 22.12 39.85 1.93
C PRO A 642 22.93 39.52 0.68
N ASP A 643 23.01 40.49 -0.24
CA ASP A 643 23.63 40.28 -1.57
C ASP A 643 25.08 39.78 -1.52
N HIS A 644 25.86 40.30 -0.56
CA HIS A 644 27.28 39.90 -0.41
C HIS A 644 27.50 38.48 0.15
N LEU A 645 26.51 37.94 0.87
CA LEU A 645 26.62 36.60 1.49
C LEU A 645 25.90 35.47 0.70
N THR A 646 25.62 35.70 -0.59
CA THR A 646 24.89 34.75 -1.44
C THR A 646 25.70 33.48 -1.72
N SER A 647 26.99 33.66 -2.06
CA SER A 647 27.92 32.54 -2.31
C SER A 647 28.82 32.23 -1.11
N CYS A 648 28.32 32.48 0.11
CA CYS A 648 29.07 32.18 1.32
C CYS A 648 29.02 30.68 1.62
N VAL A 649 30.19 30.05 1.71
CA VAL A 649 30.35 28.67 2.20
C VAL A 649 31.56 28.63 3.13
N ARG A 650 31.38 28.03 4.30
CA ARG A 650 32.34 28.10 5.38
C ARG A 650 32.77 26.70 5.76
N PRO A 651 34.08 26.50 6.04
CA PRO A 651 34.48 25.21 6.62
C PRO A 651 33.95 25.01 8.06
N ASP A 652 33.66 23.75 8.39
CA ASP A 652 33.21 23.37 9.72
C ASP A 652 34.41 22.77 10.47
N VAL A 653 34.80 23.45 11.55
CA VAL A 653 36.00 23.07 12.32
C VAL A 653 35.89 21.72 13.06
N ARG A 654 34.68 21.20 13.22
CA ARG A 654 34.46 19.90 13.87
C ARG A 654 34.66 18.68 12.96
N VAL A 655 34.81 18.90 11.66
CA VAL A 655 34.92 17.81 10.67
C VAL A 655 36.19 18.01 9.83
N SER A 656 36.94 16.92 9.64
CA SER A 656 38.17 16.92 8.84
C SER A 656 37.93 17.46 7.42
N PRO A 657 38.93 18.15 6.83
CA PRO A 657 38.84 18.53 5.40
C PRO A 657 38.63 17.35 4.45
N SER A 658 39.23 16.20 4.76
CA SER A 658 39.13 14.99 3.95
C SER A 658 37.78 14.24 4.05
N PHE A 659 36.93 14.61 5.04
CA PHE A 659 35.54 14.13 5.10
C PHE A 659 34.52 15.24 4.86
N SER A 660 34.92 16.29 4.13
CA SER A 660 34.06 17.41 3.80
C SER A 660 33.99 17.60 2.30
N GLN A 661 32.90 18.19 1.83
CA GLN A 661 32.75 18.58 0.42
C GLN A 661 33.65 19.78 0.13
N ASN A 662 33.69 20.19 -1.13
CA ASN A 662 34.38 21.41 -1.54
C ASN A 662 33.65 22.12 -2.68
N CYS A 663 33.73 23.46 -2.68
CA CYS A 663 33.10 24.28 -3.72
C CYS A 663 33.69 24.10 -5.12
N LEU A 664 34.96 23.71 -5.21
CA LEU A 664 35.64 23.54 -6.49
C LEU A 664 34.97 22.48 -7.37
N ALA A 665 34.53 21.40 -6.75
CA ALA A 665 33.79 20.35 -7.45
C ALA A 665 32.52 20.89 -8.11
N TYR A 666 31.81 21.78 -7.41
CA TYR A 666 30.56 22.38 -7.92
C TYR A 666 30.80 23.40 -9.02
N LYS A 667 31.90 24.16 -8.92
CA LYS A 667 32.30 25.08 -10.00
C LYS A 667 32.62 24.32 -11.30
N ASN A 668 33.34 23.20 -11.18
CA ASN A 668 33.67 22.36 -12.35
C ASN A 668 32.49 21.66 -12.99
N ASP A 669 31.53 21.20 -12.18
CA ASP A 669 30.33 20.53 -12.69
C ASP A 669 29.38 21.59 -13.26
N LYS A 670 29.25 21.59 -14.59
CA LYS A 670 28.41 22.56 -15.29
C LYS A 670 26.92 22.32 -15.04
N GLN A 671 26.53 21.06 -14.87
CA GLN A 671 25.13 20.68 -14.62
C GLN A 671 24.69 20.76 -13.15
N MET A 672 25.64 20.71 -12.21
CA MET A 672 25.32 20.61 -10.77
C MET A 672 25.62 21.89 -10.00
N SER A 673 24.72 22.23 -9.07
CA SER A 673 24.88 23.33 -8.12
C SER A 673 24.72 22.75 -6.71
N TYR A 674 24.48 23.59 -5.71
CA TYR A 674 24.24 23.10 -4.34
C TYR A 674 23.11 23.84 -3.63
N GLY A 675 22.61 23.21 -2.57
CA GLY A 675 21.57 23.79 -1.70
C GLY A 675 21.83 23.40 -0.26
N PHE A 676 20.96 23.87 0.64
CA PHE A 676 21.11 23.66 2.09
C PHE A 676 19.90 22.93 2.69
N LEU A 677 20.15 22.03 3.63
CA LEU A 677 19.08 21.27 4.30
C LEU A 677 18.36 22.11 5.35
N PHE A 678 19.11 22.85 6.16
CA PHE A 678 18.52 23.95 6.94
C PHE A 678 18.66 25.24 6.11
N PRO A 679 17.55 25.95 5.86
CA PRO A 679 17.64 27.16 5.04
C PRO A 679 18.16 28.40 5.78
N PRO A 680 19.13 29.13 5.20
CA PRO A 680 19.50 30.46 5.69
C PRO A 680 18.32 31.40 5.96
N TYR A 681 17.27 31.30 5.13
CA TYR A 681 16.05 32.14 5.25
C TYR A 681 15.33 32.06 6.61
N LEU A 682 15.43 30.91 7.28
CA LEU A 682 14.76 30.68 8.57
C LEU A 682 15.72 30.79 9.77
N SER A 683 16.83 31.49 9.60
CA SER A 683 17.76 31.78 10.68
C SER A 683 17.14 32.72 11.72
N SER A 684 17.43 32.48 12.99
CA SER A 684 16.83 33.22 14.11
C SER A 684 17.48 34.59 14.38
N SER A 685 18.67 34.79 13.82
CA SER A 685 19.36 36.08 13.84
C SER A 685 20.42 36.12 12.73
N PRO A 686 20.97 37.31 12.42
CA PRO A 686 22.10 37.38 11.48
C PRO A 686 23.35 36.59 11.92
N GLU A 687 23.61 36.53 13.22
CA GLU A 687 24.76 35.79 13.76
C GLU A 687 24.59 34.29 13.52
N ALA A 688 23.40 33.77 13.84
CA ALA A 688 23.08 32.36 13.64
C ALA A 688 23.06 31.96 12.16
N LYS A 689 22.70 32.90 11.28
CA LYS A 689 22.67 32.68 9.83
C LYS A 689 24.00 32.14 9.25
N TYR A 690 25.11 32.48 9.89
CA TYR A 690 26.42 31.94 9.48
C TYR A 690 26.56 30.43 9.66
N ASP A 691 25.85 29.85 10.62
CA ASP A 691 25.85 28.38 10.82
C ASP A 691 25.23 27.65 9.64
N ALA A 692 24.22 28.27 9.03
CA ALA A 692 23.52 27.68 7.89
C ALA A 692 24.33 27.64 6.59
N PHE A 693 25.44 28.40 6.54
CA PHE A 693 26.35 28.35 5.39
C PHE A 693 27.53 27.39 5.58
N LEU A 694 27.54 26.63 6.68
CA LEU A 694 28.58 25.63 6.90
C LEU A 694 28.56 24.58 5.79
N VAL A 695 29.76 24.16 5.38
CA VAL A 695 29.93 23.12 4.36
C VAL A 695 29.23 21.81 4.76
N THR A 696 29.06 21.59 6.06
CA THR A 696 28.35 20.41 6.58
C THR A 696 26.82 20.47 6.50
N ASN A 697 26.27 21.59 6.05
CA ASN A 697 24.85 21.76 5.77
C ASN A 697 24.54 21.71 4.27
N MET A 698 25.60 21.67 3.46
CA MET A 698 25.51 21.78 2.02
C MET A 698 25.13 20.42 1.44
N VAL A 699 24.35 20.44 0.36
CA VAL A 699 24.02 19.23 -0.39
C VAL A 699 24.00 19.53 -1.89
N PRO A 700 24.31 18.53 -2.75
CA PRO A 700 24.25 18.74 -4.20
C PRO A 700 22.81 18.83 -4.78
N MET A 701 22.57 19.85 -5.60
CA MET A 701 21.27 20.13 -6.16
C MET A 701 21.34 20.74 -7.56
N TYR A 702 20.85 20.02 -8.57
CA TYR A 702 20.52 20.57 -9.88
C TYR A 702 19.71 21.88 -9.79
N PRO A 703 20.05 22.89 -10.63
CA PRO A 703 19.30 24.16 -10.72
C PRO A 703 17.78 24.01 -10.83
N ALA A 704 17.31 23.04 -11.61
CA ALA A 704 15.86 22.83 -11.77
C ALA A 704 15.21 22.40 -10.45
N PHE A 705 15.91 21.57 -9.67
CA PHE A 705 15.43 21.12 -8.37
C PHE A 705 15.48 22.23 -7.32
N LYS A 706 16.45 23.12 -7.41
CA LYS A 706 16.50 24.27 -6.50
C LYS A 706 15.26 25.18 -6.60
N ARG A 707 14.62 25.23 -7.77
CA ARG A 707 13.35 25.95 -7.89
C ARG A 707 12.28 25.35 -6.96
N VAL A 708 12.28 24.03 -6.84
CA VAL A 708 11.36 23.32 -5.95
C VAL A 708 11.77 23.48 -4.48
N TRP A 709 13.05 23.26 -4.20
CA TRP A 709 13.56 23.26 -2.82
C TRP A 709 13.49 24.63 -2.17
N ASN A 710 13.88 25.68 -2.90
CA ASN A 710 13.78 27.04 -2.39
C ASN A 710 12.35 27.46 -2.05
N TYR A 711 11.38 27.02 -2.86
CA TYR A 711 9.96 27.34 -2.61
C TYR A 711 9.43 26.58 -1.38
N PHE A 712 9.76 25.30 -1.29
CA PHE A 712 9.49 24.51 -0.09
C PHE A 712 10.05 25.18 1.17
N GLN A 713 11.33 25.55 1.12
CA GLN A 713 12.02 26.08 2.30
C GLN A 713 11.63 27.51 2.66
N ARG A 714 11.54 28.39 1.66
CA ARG A 714 11.30 29.82 1.89
C ARG A 714 9.82 30.12 2.15
N VAL A 715 8.93 29.53 1.35
CA VAL A 715 7.49 29.82 1.41
C VAL A 715 6.67 28.79 2.19
N LEU A 716 6.81 27.51 1.85
CA LEU A 716 5.89 26.48 2.36
C LEU A 716 6.07 26.09 3.85
N VAL A 717 7.32 26.01 4.30
CA VAL A 717 7.60 25.67 5.71
C VAL A 717 6.94 26.67 6.67
N LYS A 718 7.02 27.96 6.35
CA LYS A 718 6.35 29.02 7.16
C LYS A 718 4.83 28.85 7.11
N LYS A 719 4.31 28.54 5.93
CA LYS A 719 2.89 28.33 5.74
C LYS A 719 2.37 27.13 6.54
N TYR A 720 3.13 26.02 6.56
CA TYR A 720 2.77 24.85 7.37
C TYR A 720 2.85 25.15 8.87
N ALA A 721 3.88 25.88 9.27
CA ALA A 721 4.04 26.30 10.66
C ALA A 721 2.89 27.20 11.13
N SER A 722 2.52 28.17 10.31
CA SER A 722 1.38 29.02 10.58
C SER A 722 0.08 28.21 10.76
N GLU A 723 -0.18 27.32 9.80
CA GLU A 723 -1.40 26.52 9.79
C GLU A 723 -1.47 25.42 10.85
N ARG A 724 -0.33 24.86 11.24
CA ARG A 724 -0.29 23.72 12.19
C ARG A 724 0.17 24.09 13.60
N ASN A 725 0.35 25.39 13.87
CA ASN A 725 0.89 25.88 15.13
C ASN A 725 2.34 25.41 15.36
N GLY A 726 3.17 25.77 14.41
CA GLY A 726 4.56 25.35 14.37
C GLY A 726 4.75 23.94 13.87
N VAL A 727 5.95 23.67 13.35
CA VAL A 727 6.29 22.36 12.80
C VAL A 727 7.73 22.02 13.09
N ASN A 728 7.99 20.73 13.37
CA ASN A 728 9.33 20.18 13.34
C ASN A 728 9.56 19.56 11.97
N VAL A 729 10.69 19.89 11.35
CA VAL A 729 11.03 19.44 10.01
C VAL A 729 12.32 18.62 10.08
N ILE A 730 12.27 17.37 9.61
CA ILE A 730 13.48 16.56 9.42
C ILE A 730 13.69 16.35 7.92
N SER A 731 14.82 16.86 7.40
CA SER A 731 15.16 16.74 5.97
C SER A 731 16.48 16.01 5.77
N GLY A 732 16.57 15.28 4.66
CA GLY A 732 17.81 14.61 4.28
C GLY A 732 17.79 14.10 2.84
N PRO A 733 18.91 13.48 2.40
CA PRO A 733 19.03 12.90 1.08
C PRO A 733 18.68 11.43 1.03
N ILE A 734 18.34 10.94 -0.15
CA ILE A 734 18.08 9.52 -0.39
C ILE A 734 18.90 9.11 -1.61
N PHE A 735 19.51 7.92 -1.52
CA PHE A 735 20.24 7.29 -2.63
C PHE A 735 19.59 5.94 -2.91
N ASP A 736 19.00 5.81 -4.11
CA ASP A 736 18.32 4.58 -4.51
C ASP A 736 18.45 4.38 -6.02
N TYR A 737 19.70 4.28 -6.46
CA TYR A 737 20.02 4.09 -7.88
C TYR A 737 19.49 2.80 -8.50
N ASP A 738 19.30 1.76 -7.68
CA ASP A 738 18.72 0.49 -8.17
C ASP A 738 17.21 0.40 -7.94
N TYR A 739 16.57 1.53 -7.62
CA TYR A 739 15.12 1.67 -7.41
C TYR A 739 14.41 0.49 -6.70
N ASP A 740 15.08 -0.09 -5.70
CA ASP A 740 14.48 -1.20 -4.93
C ASP A 740 13.82 -0.73 -3.61
N GLY A 741 13.68 0.58 -3.43
CA GLY A 741 13.06 1.13 -2.23
C GLY A 741 13.87 1.06 -0.95
N LEU A 742 15.13 0.61 -1.04
CA LEU A 742 16.00 0.39 0.13
C LEU A 742 17.25 1.24 -0.01
N HIS A 743 17.74 1.73 1.12
CA HIS A 743 19.02 2.45 1.24
C HIS A 743 20.18 1.80 0.48
N ASP A 744 20.82 2.56 -0.41
CA ASP A 744 21.98 2.09 -1.19
C ASP A 744 23.24 2.01 -0.34
N THR A 745 24.04 0.96 -0.55
CA THR A 745 25.45 0.96 -0.15
C THR A 745 26.25 1.80 -1.15
N GLU A 746 27.52 2.04 -0.85
CA GLU A 746 28.40 2.87 -1.70
C GLU A 746 28.51 2.40 -3.16
N ASP A 747 28.55 1.07 -3.37
CA ASP A 747 28.74 0.51 -4.72
C ASP A 747 27.55 0.69 -5.68
N LYS A 748 26.35 0.96 -5.15
CA LYS A 748 25.16 1.21 -5.97
C LYS A 748 25.11 2.63 -6.59
N ILE A 749 25.88 3.57 -6.05
CA ILE A 749 25.83 4.97 -6.50
C ILE A 749 26.59 5.16 -7.83
N LYS A 750 25.86 5.62 -8.85
CA LYS A 750 26.35 5.73 -10.23
C LYS A 750 26.66 7.15 -10.69
N GLN A 751 26.43 8.15 -9.83
CA GLN A 751 26.53 9.55 -10.22
C GLN A 751 27.11 10.36 -9.05
N TYR A 752 28.25 11.01 -9.32
CA TYR A 752 28.96 11.85 -8.36
C TYR A 752 29.07 13.25 -8.93
N VAL A 753 29.40 14.21 -8.07
CA VAL A 753 29.70 15.57 -8.53
C VAL A 753 31.05 15.50 -9.25
N GLU A 754 31.13 16.17 -10.41
CA GLU A 754 32.28 16.12 -11.34
C GLU A 754 33.66 16.12 -10.68
N GLY A 755 34.42 15.04 -10.90
CA GLY A 755 35.78 14.90 -10.36
C GLY A 755 35.89 14.84 -8.85
N SER A 756 34.89 14.25 -8.19
CA SER A 756 34.87 14.15 -6.73
C SER A 756 34.30 12.82 -6.26
N SER A 757 34.31 12.62 -4.95
CA SER A 757 33.59 11.50 -4.35
C SER A 757 32.35 11.97 -3.56
N ILE A 758 31.75 13.09 -3.96
CA ILE A 758 30.49 13.57 -3.38
C ILE A 758 29.33 12.91 -4.15
N PRO A 759 28.58 11.99 -3.50
CA PRO A 759 27.51 11.28 -4.20
C PRO A 759 26.28 12.17 -4.40
N VAL A 760 25.56 11.95 -5.50
CA VAL A 760 24.37 12.73 -5.84
C VAL A 760 23.11 11.98 -5.38
N PRO A 761 22.28 12.59 -4.52
CA PRO A 761 21.02 11.95 -4.14
C PRO A 761 20.05 11.73 -5.31
N THR A 762 19.33 10.61 -5.28
CA THR A 762 18.22 10.39 -6.22
C THR A 762 16.98 11.14 -5.78
N HIS A 763 16.80 11.29 -4.47
CA HIS A 763 15.63 11.98 -3.91
C HIS A 763 16.01 12.81 -2.66
N TYR A 764 15.13 13.75 -2.31
CA TYR A 764 15.22 14.49 -1.06
C TYR A 764 13.90 14.34 -0.30
N TYR A 765 14.00 14.10 1.01
CA TYR A 765 12.84 13.86 1.85
C TYR A 765 12.67 14.95 2.88
N SER A 766 11.43 15.08 3.38
CA SER A 766 11.15 15.83 4.59
C SER A 766 10.02 15.16 5.36
N ILE A 767 10.15 15.17 6.69
CA ILE A 767 9.17 14.67 7.62
C ILE A 767 8.72 15.88 8.43
N ILE A 768 7.45 16.25 8.30
CA ILE A 768 6.91 17.47 8.93
C ILE A 768 5.89 17.09 10.01
N THR A 769 6.24 17.36 11.26
CA THR A 769 5.48 16.87 12.40
C THR A 769 4.99 18.03 13.26
N SER A 770 3.79 17.86 13.82
CA SER A 770 3.19 18.84 14.73
C SER A 770 2.25 18.11 15.70
N CYS A 771 1.53 18.86 16.52
CA CYS A 771 0.58 18.28 17.46
C CYS A 771 -0.76 18.06 16.77
N LEU A 772 -1.36 16.86 16.91
CA LEU A 772 -2.71 16.60 16.40
C LEU A 772 -3.70 17.57 17.04
N ASP A 773 -3.56 17.75 18.35
CA ASP A 773 -4.19 18.86 19.04
C ASP A 773 -3.47 20.16 18.61
N PHE A 774 -3.96 20.73 17.50
CA PHE A 774 -3.37 21.96 16.94
C PHE A 774 -3.41 23.21 17.82
N THR A 775 -4.16 23.18 18.93
CA THR A 775 -4.15 24.30 19.87
C THR A 775 -2.83 24.37 20.67
N GLN A 776 -2.15 23.24 20.83
CA GLN A 776 -0.82 23.22 21.44
C GLN A 776 0.27 23.42 20.38
N PRO A 777 1.29 24.25 20.68
CA PRO A 777 2.41 24.37 19.74
C PRO A 777 3.24 23.08 19.65
N ALA A 778 4.00 22.95 18.55
CA ALA A 778 4.69 21.69 18.21
C ALA A 778 5.75 21.27 19.22
N ASP A 779 6.44 22.25 19.80
CA ASP A 779 7.48 21.96 20.81
C ASP A 779 6.93 21.64 22.22
N LYS A 780 5.68 22.00 22.50
CA LYS A 780 5.06 21.72 23.82
C LYS A 780 3.82 20.81 23.67
N CYS A 781 3.95 19.73 22.92
CA CYS A 781 2.84 18.82 22.62
C CYS A 781 2.69 17.75 23.70
N ASP A 782 1.46 17.54 24.15
CA ASP A 782 1.15 16.53 25.19
C ASP A 782 0.70 15.20 24.60
N GLY A 783 -0.17 15.26 23.59
CA GLY A 783 -0.87 14.06 23.09
C GLY A 783 -0.33 13.49 21.79
N PRO A 784 -1.23 12.88 20.99
CA PRO A 784 -0.86 12.30 19.68
C PRO A 784 -0.25 13.29 18.70
N LEU A 785 0.57 12.77 17.79
CA LEU A 785 1.28 13.58 16.80
C LEU A 785 0.52 13.60 15.49
N SER A 786 0.84 14.62 14.69
CA SER A 786 0.36 14.71 13.31
C SER A 786 1.59 14.78 12.40
N VAL A 787 1.60 13.99 11.33
CA VAL A 787 2.76 13.94 10.44
C VAL A 787 2.38 13.96 8.97
N SER A 788 3.17 14.68 8.17
CA SER A 788 3.14 14.54 6.71
C SER A 788 4.58 14.44 6.17
N SER A 789 4.79 13.66 5.11
CA SER A 789 6.14 13.46 4.56
C SER A 789 6.14 13.40 3.03
N PHE A 790 7.27 13.75 2.43
CA PHE A 790 7.43 13.60 0.97
CA PHE A 790 7.47 13.73 0.98
C PHE A 790 8.81 13.06 0.61
N ILE A 791 8.89 12.47 -0.57
CA ILE A 791 10.16 12.00 -1.13
C ILE A 791 10.24 12.58 -2.53
N LEU A 792 10.79 13.78 -2.66
CA LEU A 792 10.86 14.45 -3.96
C LEU A 792 11.96 13.87 -4.85
N PRO A 793 11.64 13.55 -6.12
CA PRO A 793 12.69 13.06 -7.01
C PRO A 793 13.67 14.16 -7.41
N HIS A 794 14.95 13.82 -7.39
CA HIS A 794 16.01 14.79 -7.62
C HIS A 794 16.41 14.80 -9.10
N ARG A 795 15.67 15.58 -9.89
CA ARG A 795 15.81 15.52 -11.34
C ARG A 795 16.36 16.81 -11.95
N PRO A 796 17.20 16.68 -13.02
CA PRO A 796 17.86 17.84 -13.63
C PRO A 796 16.96 18.76 -14.47
N ASP A 797 15.69 18.41 -14.64
CA ASP A 797 14.68 19.28 -15.25
C ASP A 797 13.34 19.18 -14.50
N ASN A 798 12.36 19.96 -14.94
CA ASN A 798 11.00 19.87 -14.39
C ASN A 798 10.00 19.46 -15.45
N GLU A 799 10.36 18.43 -16.23
CA GLU A 799 9.51 17.90 -17.30
C GLU A 799 8.24 17.22 -16.77
N GLU A 800 8.29 16.73 -15.53
CA GLU A 800 7.12 16.17 -14.85
C GLU A 800 6.01 17.22 -14.63
N SER A 801 6.40 18.45 -14.35
CA SER A 801 5.46 19.52 -14.04
C SER A 801 5.18 20.36 -15.29
N CYS A 802 4.00 20.21 -15.88
CA CYS A 802 3.67 20.90 -17.14
C CYS A 802 3.57 22.42 -17.04
N ASN A 803 3.28 22.96 -15.84
CA ASN A 803 3.22 24.41 -15.60
C ASN A 803 4.50 24.99 -14.98
N SER A 804 5.63 24.31 -15.11
CA SER A 804 6.88 24.75 -14.47
C SER A 804 7.46 26.07 -15.02
N SER A 805 7.08 26.47 -16.24
CA SER A 805 7.42 27.80 -16.76
C SER A 805 6.77 28.94 -15.93
N GLU A 806 5.61 28.66 -15.35
CA GLU A 806 4.93 29.62 -14.46
C GLU A 806 5.65 29.74 -13.09
N ASP A 807 5.13 30.66 -12.26
CA ASP A 807 5.58 30.85 -10.89
C ASP A 807 5.41 29.58 -10.02
N GLU A 808 6.31 29.38 -9.07
CA GLU A 808 6.34 28.18 -8.21
C GLU A 808 5.04 27.94 -7.43
N SER A 809 4.30 29.01 -7.14
CA SER A 809 2.97 28.92 -6.52
C SER A 809 1.91 28.26 -7.38
N LYS A 810 2.19 28.09 -8.68
CA LYS A 810 1.27 27.45 -9.62
C LYS A 810 1.53 25.95 -9.81
N TRP A 811 2.71 25.44 -9.44
CA TRP A 811 3.07 24.03 -9.70
C TRP A 811 3.82 23.22 -8.62
N VAL A 812 4.52 23.87 -7.69
CA VAL A 812 5.38 23.16 -6.75
C VAL A 812 4.58 22.36 -5.72
N GLU A 813 3.55 22.96 -5.12
CA GLU A 813 2.71 22.24 -4.16
C GLU A 813 2.08 20.99 -4.77
N GLU A 814 1.61 21.11 -6.02
CA GLU A 814 1.03 19.99 -6.77
C GLU A 814 2.04 18.85 -6.98
N LEU A 815 3.30 19.18 -7.25
CA LEU A 815 4.36 18.18 -7.37
C LEU A 815 4.59 17.44 -6.04
N MET A 816 4.67 18.20 -4.94
CA MET A 816 4.98 17.62 -3.64
C MET A 816 3.92 16.65 -3.17
N LYS A 817 2.66 17.06 -3.30
CA LYS A 817 1.50 16.22 -2.98
C LYS A 817 1.50 14.89 -3.74
N MET A 818 1.82 14.94 -5.04
CA MET A 818 1.96 13.73 -5.86
C MET A 818 3.00 12.77 -5.28
N HIS A 819 4.06 13.34 -4.67
CA HIS A 819 5.16 12.58 -4.04
C HIS A 819 5.11 12.48 -2.51
N THR A 820 3.92 12.64 -1.93
CA THR A 820 3.67 12.36 -0.50
C THR A 820 4.12 10.94 -0.11
N ALA A 821 4.47 10.72 1.15
CA ALA A 821 5.04 9.45 1.58
C ALA A 821 4.78 9.13 3.04
N ARG A 822 4.83 7.85 3.35
CA ARG A 822 4.79 7.40 4.74
C ARG A 822 6.20 7.61 5.27
N VAL A 823 6.30 7.90 6.56
CA VAL A 823 7.60 7.94 7.23
C VAL A 823 8.33 6.59 7.09
N ARG A 824 7.58 5.50 7.07
CA ARG A 824 8.12 4.16 6.86
C ARG A 824 8.86 4.01 5.53
N ASP A 825 8.35 4.67 4.48
CA ASP A 825 9.01 4.66 3.17
C ASP A 825 10.40 5.30 3.23
N ILE A 826 10.51 6.38 4.01
CA ILE A 826 11.79 7.06 4.22
C ILE A 826 12.75 6.20 5.06
N GLU A 827 12.22 5.51 6.07
CA GLU A 827 13.02 4.59 6.90
C GLU A 827 13.67 3.46 6.08
N HIS A 828 12.91 2.83 5.19
CA HIS A 828 13.45 1.83 4.27
C HIS A 828 14.52 2.45 3.36
N LEU A 829 14.22 3.62 2.81
CA LEU A 829 15.14 4.31 1.91
C LEU A 829 16.41 4.85 2.54
N THR A 830 16.42 5.10 3.85
CA THR A 830 17.59 5.65 4.54
C THR A 830 18.26 4.71 5.55
N SER A 831 17.57 3.63 5.96
CA SER A 831 17.95 2.85 7.15
C SER A 831 18.06 3.70 8.42
N LEU A 832 17.19 4.69 8.55
CA LEU A 832 17.06 5.46 9.78
C LEU A 832 15.82 4.95 10.50
N ASP A 833 15.77 5.14 11.82
CA ASP A 833 14.56 4.86 12.61
C ASP A 833 14.20 6.13 13.38
N PHE A 834 13.06 6.73 13.02
CA PHE A 834 12.58 7.97 13.65
C PHE A 834 11.57 7.71 14.79
N PHE A 835 11.20 8.79 15.49
CA PHE A 835 10.25 8.78 16.63
C PHE A 835 10.57 7.76 17.72
N ARG A 836 11.84 7.71 18.13
CA ARG A 836 12.29 6.77 19.17
C ARG A 836 12.08 7.23 20.62
N LYS A 837 11.92 8.53 20.86
CA LYS A 837 11.64 9.06 22.21
C LYS A 837 10.48 10.03 22.20
N THR A 838 9.28 9.48 22.38
CA THR A 838 8.06 10.27 22.53
C THR A 838 7.38 9.86 23.84
N SER A 839 6.21 10.46 24.11
CA SER A 839 5.33 10.01 25.19
C SER A 839 4.28 8.97 24.76
N ARG A 840 4.31 8.55 23.49
CA ARG A 840 3.33 7.61 22.94
C ARG A 840 3.85 6.18 23.00
N SER A 841 2.92 5.23 23.09
CA SER A 841 3.27 3.80 23.01
C SER A 841 3.86 3.47 21.62
N TYR A 842 4.71 2.46 21.57
CA TYR A 842 5.38 2.09 20.32
C TYR A 842 4.41 1.61 19.21
N PRO A 843 3.36 0.84 19.56
CA PRO A 843 2.26 0.57 18.61
C PRO A 843 1.64 1.82 17.96
N GLU A 844 1.35 2.85 18.76
CA GLU A 844 0.80 4.10 18.23
C GLU A 844 1.78 4.83 17.33
N ILE A 845 3.09 4.71 17.61
CA ILE A 845 4.13 5.28 16.75
C ILE A 845 4.23 4.55 15.40
N LEU A 846 4.04 3.22 15.39
CA LEU A 846 4.04 2.46 14.13
C LEU A 846 2.82 2.80 13.26
N THR A 847 1.69 3.13 13.88
CA THR A 847 0.52 3.66 13.15
C THR A 847 0.85 5.01 12.52
N LEU A 848 1.54 5.87 13.28
CA LEU A 848 1.97 7.18 12.79
C LEU A 848 2.94 7.07 11.60
N LYS A 849 3.89 6.14 11.70
CA LYS A 849 4.85 5.89 10.62
C LYS A 849 4.27 5.32 9.33
N THR A 850 3.13 4.62 9.41
CA THR A 850 2.45 4.06 8.23
C THR A 850 1.42 5.02 7.60
N TYR A 851 1.12 6.14 8.27
CA TYR A 851 0.13 7.10 7.77
C TYR A 851 0.59 7.75 6.45
N LEU A 852 -0.35 7.88 5.50
CA LEU A 852 -0.11 8.60 4.25
C LEU A 852 -1.08 9.77 4.17
N HIS A 853 -0.54 10.99 4.15
CA HIS A 853 -1.33 12.19 3.89
C HIS A 853 -1.64 12.21 2.39
N THR A 854 -2.88 11.90 2.02
CA THR A 854 -3.26 11.67 0.61
C THR A 854 -3.66 12.94 -0.15
N TYR A 855 -4.11 13.98 0.56
CA TYR A 855 -4.61 15.22 -0.03
C TYR A 855 -5.88 15.02 -0.86
N GLU A 856 -6.72 14.07 -0.45
CA GLU A 856 -7.96 13.75 -1.16
C GLU A 856 -9.15 14.04 -0.25
#